data_6HNV
#
_entry.id   6HNV
#
_cell.length_a   74.570
_cell.length_b   88.540
_cell.length_c   160.960
_cell.angle_alpha   90.00
_cell.angle_beta   90.00
_cell.angle_gamma   90.00
#
_symmetry.space_group_name_H-M   'P 21 21 21'
#
loop_
_entity.id
_entity.type
_entity.pdbx_description
1 polymer 'Aromatic-amino-acid:2-oxoglutarate transaminase'
2 non-polymer "PYRIDOXAL-5'-PHOSPHATE"
3 non-polymer BICINE
4 non-polymer (4S)-2-METHYL-2,4-PENTANEDIOL
5 non-polymer PHENYLALANINE
6 non-polymer '3-PHENYLPYRUVIC ACID'
7 non-polymer '2-AMINOHEXANEDIOIC ACID'
8 non-polymer '2-OXOADIPIC ACID'
9 water water
#
_entity_poly.entity_id   1
_entity_poly.type   'polypeptide(L)'
_entity_poly.pdbx_seq_one_letter_code
;MSDPTHLISKRAAGRTSVHFTNAPSDKPPANFKPHEKPLALSYGMPNHGFFPIDSIDVNLVDYPFQKITTPSTTSSTAEE
EPPSSSLNGSENGHQTKTPPSSIHTPQSTVHISRHTTDPKLIDLARGLQYAAVEGHAPLLQFARDFIIRTHKPNYDDWNV
FITTGASDGLNKAADVFLDDGDVILVEEFTFSPFLRFSDNAGAKAVPVKINFDNDSDGIDLTQFVDLLENWEKHYPNLPK
PKALYTIATGQNPTGFTQSLEFRKKIYDLAVKYDFAIIEDDPYGYLTLPKYEKPNIGGSGSGNNELKNDLEIDDYLKNHL
TPSYLELDTTGRVLRVETFSKLFAPGLRLGFIVGHKEVIDAVKNYSDVVNRGASGLTQTIVNNVIQENFKGVDGWLEWIL
KMRLNYSYRKDLLLYSIFESQAYKKGYVDVIDPKAGMFVTFKINLPKDVDVLQKMKLLLWKLISYGILVVPGYNMTVDLE
FSKDRSNFFRLCYALANNDEEILESGKRLTDAVYEFFSNGLEFH
;
_entity_poly.pdbx_strand_id   A,B
#
loop_
_chem_comp.id
_chem_comp.type
_chem_comp.name
_chem_comp.formula
BCN non-polymer BICINE 'C6 H13 N O4'
MPD non-polymer (4S)-2-METHYL-2,4-PENTANEDIOL 'C6 H14 O2'
OOG non-polymer '2-OXOADIPIC ACID' 'C6 H8 O5'
PLP non-polymer PYRIDOXAL-5'-PHOSPHATE 'C8 H10 N O6 P'
PPY non-polymer '3-PHENYLPYRUVIC ACID' 'C9 H8 O3'
#
# COMPACT_ATOMS: atom_id res chain seq x y z
N SER A 2 -27.59 16.73 9.46
CA SER A 2 -27.84 15.44 8.73
C SER A 2 -26.51 14.74 8.46
N ASP A 3 -26.37 14.06 7.30
CA ASP A 3 -25.24 13.13 7.01
C ASP A 3 -24.93 13.12 5.51
N PRO A 4 -23.80 12.51 5.09
CA PRO A 4 -23.33 12.56 3.71
C PRO A 4 -23.43 11.26 2.92
N THR A 5 -24.35 10.37 3.29
CA THR A 5 -24.63 9.11 2.58
C THR A 5 -24.70 9.36 1.08
N HIS A 6 -25.37 10.45 0.68
CA HIS A 6 -25.67 10.77 -0.73
C HIS A 6 -24.37 11.13 -1.48
N LEU A 7 -23.36 11.59 -0.75
CA LEU A 7 -22.06 12.07 -1.31
C LEU A 7 -21.13 10.91 -1.68
N ILE A 8 -21.25 9.78 -0.97
CA ILE A 8 -20.57 8.47 -1.25
C ILE A 8 -20.90 8.00 -2.68
N SER A 9 -19.89 7.73 -3.50
CA SER A 9 -20.05 7.33 -4.92
C SER A 9 -20.84 6.03 -5.01
N LYS A 10 -21.66 5.89 -6.06
CA LYS A 10 -22.35 4.62 -6.39
C LYS A 10 -21.31 3.49 -6.31
N ARG A 11 -20.17 3.67 -6.98
CA ARG A 11 -19.09 2.65 -7.07
C ARG A 11 -18.63 2.25 -5.67
N ALA A 12 -18.39 3.21 -4.76
CA ALA A 12 -17.84 2.93 -3.42
C ALA A 12 -18.92 2.30 -2.55
N ALA A 13 -20.12 2.87 -2.58
CA ALA A 13 -21.32 2.35 -1.90
C ALA A 13 -21.57 0.88 -2.29
N GLY A 14 -21.27 0.51 -3.53
CA GLY A 14 -21.59 -0.80 -4.17
C GLY A 14 -20.72 -1.97 -3.72
N ARG A 15 -19.58 -1.71 -3.08
CA ARG A 15 -18.69 -2.81 -2.63
C ARG A 15 -19.32 -3.46 -1.38
N THR A 16 -19.23 -4.79 -1.32
CA THR A 16 -19.74 -5.61 -0.19
C THR A 16 -18.78 -5.44 1.00
N SER A 17 -19.29 -5.43 2.23
CA SER A 17 -18.48 -5.38 3.47
C SER A 17 -18.09 -6.81 3.92
N VAL A 18 -17.11 -7.43 3.24
CA VAL A 18 -16.44 -8.71 3.65
C VAL A 18 -17.51 -9.75 4.01
N SER A 25 -24.25 -17.14 8.90
CA SER A 25 -25.22 -16.83 7.82
C SER A 25 -26.45 -17.76 7.90
N ASP A 26 -26.37 -18.88 8.65
CA ASP A 26 -27.50 -19.82 8.92
C ASP A 26 -27.76 -19.83 10.44
N LYS A 27 -28.94 -20.28 10.88
CA LYS A 27 -29.46 -20.24 12.29
C LYS A 27 -28.81 -21.33 13.13
N PRO A 28 -28.20 -21.02 14.29
CA PRO A 28 -27.68 -22.06 15.18
C PRO A 28 -28.70 -23.19 15.34
N PRO A 29 -28.30 -24.44 15.67
CA PRO A 29 -29.25 -25.52 15.99
C PRO A 29 -29.69 -25.42 17.45
N ALA A 30 -30.79 -26.10 17.78
CA ALA A 30 -31.46 -26.15 19.11
C ALA A 30 -30.54 -25.66 20.24
N ASN A 31 -29.87 -26.57 20.97
CA ASN A 31 -29.08 -26.21 22.18
C ASN A 31 -27.59 -26.12 21.84
N PHE A 32 -27.22 -25.12 21.03
CA PHE A 32 -25.81 -24.90 20.58
C PHE A 32 -25.11 -23.92 21.52
N LYS A 33 -24.24 -24.46 22.38
CA LYS A 33 -23.27 -23.70 23.20
C LYS A 33 -21.93 -23.81 22.49
N PRO A 34 -21.31 -22.70 22.07
CA PRO A 34 -19.92 -22.75 21.59
C PRO A 34 -19.01 -23.28 22.71
N HIS A 35 -17.87 -23.89 22.38
CA HIS A 35 -16.84 -24.32 23.36
C HIS A 35 -16.14 -23.06 23.87
N GLU A 36 -15.63 -23.10 25.11
CA GLU A 36 -15.24 -21.92 25.92
C GLU A 36 -13.85 -21.42 25.50
N LYS A 37 -12.86 -22.31 25.50
CA LYS A 37 -11.45 -22.03 25.07
C LYS A 37 -11.12 -22.92 23.88
N PRO A 38 -11.40 -22.45 22.65
CA PRO A 38 -11.23 -23.25 21.43
C PRO A 38 -9.90 -23.07 20.69
N LEU A 39 -9.58 -24.01 19.78
CA LEU A 39 -8.29 -24.05 19.04
C LEU A 39 -8.56 -23.72 17.57
N ALA A 40 -7.52 -23.37 16.81
CA ALA A 40 -7.67 -22.89 15.42
C ALA A 40 -6.85 -23.77 14.47
N LEU A 41 -7.54 -24.34 13.48
CA LEU A 41 -6.93 -24.82 12.20
C LEU A 41 -7.60 -24.02 11.08
N SER A 42 -7.91 -22.74 11.36
CA SER A 42 -8.71 -21.85 10.50
C SER A 42 -7.77 -20.99 9.65
N TYR A 43 -7.11 -20.00 10.25
CA TYR A 43 -6.44 -18.91 9.48
C TYR A 43 -5.00 -19.31 9.13
N GLY A 44 -4.58 -18.95 7.91
CA GLY A 44 -3.22 -19.09 7.34
C GLY A 44 -2.27 -18.03 7.85
N MET A 45 -2.15 -17.96 9.17
CA MET A 45 -1.30 -17.02 9.97
C MET A 45 -0.17 -17.82 10.61
N PRO A 46 1.12 -17.65 10.19
CA PRO A 46 2.24 -18.21 10.94
C PRO A 46 2.18 -17.78 12.42
N ASN A 47 2.36 -18.71 13.37
CA ASN A 47 2.58 -18.36 14.81
C ASN A 47 3.77 -17.40 14.87
N HIS A 48 3.73 -16.36 15.72
CA HIS A 48 4.82 -15.37 15.88
C HIS A 48 6.17 -16.10 16.05
N GLY A 49 6.21 -17.25 16.70
CA GLY A 49 7.44 -18.05 16.87
C GLY A 49 8.21 -18.21 15.56
N PHE A 50 7.57 -18.00 14.39
CA PHE A 50 8.12 -18.23 13.03
C PHE A 50 8.83 -16.97 12.50
N PHE A 51 8.65 -15.84 13.20
CA PHE A 51 9.13 -14.47 12.82
C PHE A 51 10.63 -14.38 13.10
N PRO A 52 11.48 -13.99 12.14
CA PRO A 52 12.91 -13.92 12.43
C PRO A 52 13.28 -12.74 13.36
N ILE A 53 12.36 -11.77 13.57
CA ILE A 53 12.58 -10.60 14.47
C ILE A 53 11.94 -10.86 15.85
N ASP A 54 12.74 -10.76 16.92
CA ASP A 54 12.34 -11.00 18.33
C ASP A 54 12.08 -9.67 19.05
N SER A 55 12.91 -8.66 18.79
CA SER A 55 12.72 -7.27 19.29
C SER A 55 13.44 -6.26 18.38
N ILE A 56 13.06 -4.99 18.48
CA ILE A 56 13.65 -3.87 17.70
C ILE A 56 13.92 -2.74 18.71
N ASP A 57 15.12 -2.17 18.69
CA ASP A 57 15.47 -0.90 19.40
C ASP A 57 15.52 0.21 18.35
N VAL A 58 14.73 1.27 18.53
CA VAL A 58 14.68 2.43 17.59
C VAL A 58 15.43 3.57 18.28
N ASN A 59 16.55 3.99 17.67
CA ASN A 59 17.48 4.99 18.23
C ASN A 59 17.14 6.36 17.63
N LEU A 60 16.61 7.25 18.46
CA LEU A 60 16.04 8.55 18.06
C LEU A 60 17.01 9.69 18.37
N VAL A 61 16.82 10.81 17.67
CA VAL A 61 17.35 12.16 18.00
C VAL A 61 16.30 12.83 18.90
N ASP A 62 16.68 13.87 19.65
CA ASP A 62 15.74 14.65 20.52
C ASP A 62 15.45 16.02 19.91
N TYR A 63 16.23 16.44 18.91
CA TYR A 63 16.00 17.68 18.10
C TYR A 63 16.55 17.48 16.69
N PRO A 64 15.90 18.04 15.65
CA PRO A 64 16.41 17.99 14.27
C PRO A 64 17.89 18.36 14.09
N PHE A 65 18.66 17.52 13.40
CA PHE A 65 20.03 17.80 12.91
C PHE A 65 21.09 17.52 13.99
N GLN A 66 20.71 16.88 15.09
CA GLN A 66 21.64 16.40 16.16
C GLN A 66 22.66 15.41 15.56
N LYS A 67 23.74 15.09 16.29
CA LYS A 67 24.78 14.10 15.85
C LYS A 67 25.10 13.10 17.00
N ILE A 68 25.50 11.87 16.65
CA ILE A 68 25.97 10.77 17.57
C ILE A 68 25.73 11.20 19.03
N THR A 105 23.55 12.95 28.99
CA THR A 105 22.44 12.53 28.08
C THR A 105 22.65 11.09 27.59
N PRO A 106 22.06 10.06 28.25
CA PRO A 106 21.87 8.77 27.59
C PRO A 106 20.99 8.98 26.34
N GLN A 107 21.37 8.40 25.19
CA GLN A 107 20.68 8.64 23.90
C GLN A 107 19.24 8.11 23.98
N SER A 108 18.28 8.78 23.34
CA SER A 108 16.85 8.38 23.40
C SER A 108 16.61 7.15 22.51
N THR A 109 16.02 6.11 23.08
CA THR A 109 15.79 4.81 22.40
C THR A 109 14.49 4.22 22.96
N VAL A 110 13.83 3.39 22.15
CA VAL A 110 12.52 2.76 22.49
C VAL A 110 12.66 1.28 22.12
N HIS A 111 12.39 0.40 23.08
CA HIS A 111 12.48 -1.08 22.93
C HIS A 111 11.11 -1.65 22.55
N ILE A 112 11.04 -2.37 21.44
CA ILE A 112 9.78 -3.00 20.96
C ILE A 112 9.90 -4.50 21.27
N SER A 113 9.14 -4.95 22.27
CA SER A 113 9.16 -6.33 22.77
C SER A 113 8.16 -7.13 21.93
N ARG A 114 8.41 -8.43 21.81
CA ARG A 114 7.50 -9.42 21.18
C ARG A 114 6.13 -9.37 21.85
N HIS A 115 6.07 -9.13 23.18
CA HIS A 115 4.81 -9.08 23.99
C HIS A 115 4.82 -7.85 24.91
N THR A 116 3.68 -7.17 25.05
CA THR A 116 3.39 -6.07 26.02
C THR A 116 1.90 -6.05 26.36
N THR A 117 1.53 -5.61 27.56
CA THR A 117 0.12 -5.50 28.04
C THR A 117 -0.29 -4.04 28.08
N ASP A 118 0.59 -3.13 27.66
CA ASP A 118 0.30 -1.68 27.54
C ASP A 118 -0.63 -1.50 26.33
N PRO A 119 -1.88 -1.04 26.51
CA PRO A 119 -2.80 -0.86 25.38
C PRO A 119 -2.50 0.38 24.52
N LYS A 120 -1.46 1.14 24.89
CA LYS A 120 -0.97 2.30 24.11
C LYS A 120 0.19 1.86 23.19
N LEU A 121 0.65 0.61 23.33
CA LEU A 121 1.77 0.03 22.53
C LEU A 121 1.24 -1.08 21.63
N ILE A 122 2.04 -1.40 20.61
CA ILE A 122 1.86 -2.57 19.71
C ILE A 122 3.10 -3.47 19.86
N ASP A 123 2.93 -4.70 20.35
CA ASP A 123 4.05 -5.68 20.40
C ASP A 123 4.42 -6.11 18.97
N LEU A 124 5.43 -6.99 18.83
CA LEU A 124 5.79 -7.58 17.52
C LEU A 124 4.94 -8.84 17.28
N ALA A 125 4.34 -9.42 18.33
CA ALA A 125 3.41 -10.55 18.21
C ALA A 125 2.20 -10.13 17.37
N ARG A 126 1.60 -8.99 17.66
CA ARG A 126 0.45 -8.46 16.88
C ARG A 126 0.95 -7.70 15.64
N GLY A 127 2.04 -6.96 15.78
CA GLY A 127 2.50 -5.96 14.79
C GLY A 127 3.08 -6.59 13.53
N LEU A 128 3.74 -7.74 13.65
CA LEU A 128 4.31 -8.53 12.52
C LEU A 128 3.27 -9.60 12.07
N GLN A 129 2.03 -9.54 12.54
CA GLN A 129 0.93 -10.52 12.21
C GLN A 129 -0.18 -9.84 11.39
N TYR A 130 -0.87 -10.61 10.55
CA TYR A 130 -2.11 -10.16 9.86
C TYR A 130 -2.87 -9.26 10.83
N ALA A 131 -3.28 -8.09 10.36
CA ALA A 131 -3.94 -7.06 11.21
C ALA A 131 -5.11 -6.44 10.44
N ALA A 132 -6.05 -5.85 11.18
CA ALA A 132 -7.23 -5.14 10.63
C ALA A 132 -6.74 -4.11 9.61
N VAL A 133 -7.43 -4.00 8.48
CA VAL A 133 -6.95 -3.20 7.33
C VAL A 133 -7.10 -1.72 7.68
N GLU A 134 -7.94 -1.38 8.65
CA GLU A 134 -8.15 0.05 9.04
C GLU A 134 -6.92 0.49 9.84
N GLY A 135 -6.25 -0.48 10.49
CA GLY A 135 -4.97 -0.30 11.20
C GLY A 135 -4.99 -0.89 12.59
N HIS A 136 -3.87 -0.79 13.30
CA HIS A 136 -3.75 -1.22 14.72
C HIS A 136 -4.46 -0.18 15.60
N ALA A 137 -5.15 -0.67 16.63
CA ALA A 137 -5.99 0.09 17.58
C ALA A 137 -5.20 1.19 18.31
N PRO A 138 -3.97 0.95 18.82
CA PRO A 138 -3.19 2.02 19.40
C PRO A 138 -3.00 3.19 18.43
N LEU A 139 -2.70 2.91 17.15
CA LEU A 139 -2.33 3.98 16.18
C LEU A 139 -3.57 4.74 15.71
N LEU A 140 -4.71 4.04 15.57
CA LEU A 140 -6.03 4.66 15.33
C LEU A 140 -6.36 5.59 16.49
N GLN A 141 -6.18 5.09 17.73
CA GLN A 141 -6.39 5.86 19.00
C GLN A 141 -5.52 7.13 19.02
N PHE A 142 -4.21 7.06 18.75
CA PHE A 142 -3.35 8.29 18.72
C PHE A 142 -3.95 9.29 17.73
N ALA A 143 -4.32 8.86 16.52
CA ALA A 143 -4.82 9.75 15.46
C ALA A 143 -6.10 10.48 15.92
N ARG A 144 -7.11 9.77 16.44
CA ARG A 144 -8.34 10.38 17.03
C ARG A 144 -7.92 11.50 18.00
N ASP A 145 -7.20 11.12 19.06
CA ASP A 145 -6.70 11.99 20.16
C ASP A 145 -5.93 13.20 19.63
N PHE A 146 -4.97 12.96 18.72
CA PHE A 146 -4.18 13.98 17.99
C PHE A 146 -5.13 15.00 17.34
N ILE A 147 -6.27 14.52 16.81
CA ILE A 147 -7.25 15.28 15.97
C ILE A 147 -8.28 15.97 16.86
N ILE A 148 -8.68 15.34 17.97
CA ILE A 148 -9.56 15.94 19.00
C ILE A 148 -8.82 17.16 19.56
N ARG A 149 -7.53 17.00 19.82
CA ARG A 149 -6.63 18.07 20.32
C ARG A 149 -6.58 19.24 19.33
N THR A 150 -6.31 18.94 18.05
CA THR A 150 -5.75 19.89 17.04
C THR A 150 -6.87 20.46 16.15
N HIS A 151 -7.82 19.64 15.74
CA HIS A 151 -8.88 19.99 14.76
C HIS A 151 -10.16 19.24 15.10
N LYS A 152 -10.68 19.41 16.31
CA LYS A 152 -11.87 18.67 16.78
C LYS A 152 -12.96 18.87 15.75
N PRO A 153 -13.39 17.82 15.03
CA PRO A 153 -14.55 17.94 14.15
C PRO A 153 -15.73 18.52 14.92
N ASN A 154 -16.70 19.08 14.19
CA ASN A 154 -17.90 19.74 14.75
C ASN A 154 -19.09 18.78 14.70
N TYR A 155 -18.84 17.48 14.84
CA TYR A 155 -19.90 16.45 14.97
C TYR A 155 -19.29 15.18 15.57
N ASP A 156 -20.14 14.24 15.96
CA ASP A 156 -19.80 13.12 16.89
C ASP A 156 -19.43 11.88 16.06
N ASP A 157 -19.90 11.83 14.81
CA ASP A 157 -20.06 10.59 14.00
C ASP A 157 -18.89 10.43 13.01
N TRP A 158 -17.64 10.70 13.42
CA TRP A 158 -16.45 10.72 12.52
C TRP A 158 -15.45 9.68 12.97
N ASN A 159 -14.57 9.26 12.07
CA ASN A 159 -13.55 8.23 12.41
C ASN A 159 -12.29 8.44 11.60
N VAL A 160 -11.20 7.85 12.08
CA VAL A 160 -9.90 7.88 11.39
C VAL A 160 -9.70 6.52 10.71
N PHE A 161 -8.72 6.42 9.83
CA PHE A 161 -8.40 5.18 9.08
C PHE A 161 -6.92 5.26 8.72
N ILE A 162 -6.11 4.22 8.97
CA ILE A 162 -4.65 4.28 8.66
C ILE A 162 -4.48 4.10 7.16
N THR A 163 -3.63 4.95 6.57
CA THR A 163 -3.35 4.97 5.13
C THR A 163 -1.84 4.77 4.98
N THR A 164 -1.37 4.72 3.73
CA THR A 164 0.06 4.65 3.37
C THR A 164 0.54 6.03 2.89
N GLY A 165 0.04 7.12 3.51
CA GLY A 165 0.40 8.51 3.20
C GLY A 165 -0.73 9.26 2.55
N ALA A 166 -0.51 10.53 2.21
CA ALA A 166 -1.51 11.50 1.70
C ALA A 166 -1.96 11.10 0.28
N SER A 167 -1.01 10.78 -0.59
CA SER A 167 -1.31 10.30 -1.96
C SER A 167 -2.25 9.10 -1.88
N ASP A 168 -2.12 8.26 -0.86
CA ASP A 168 -3.01 7.08 -0.68
C ASP A 168 -4.36 7.55 -0.14
N GLY A 169 -4.34 8.42 0.86
CA GLY A 169 -5.55 9.11 1.37
C GLY A 169 -6.36 9.72 0.24
N LEU A 170 -5.72 10.48 -0.65
CA LEU A 170 -6.39 11.28 -1.70
C LEU A 170 -7.01 10.36 -2.75
N ASN A 171 -6.37 9.21 -2.99
CA ASN A 171 -6.92 8.20 -3.91
C ASN A 171 -8.21 7.65 -3.32
N LYS A 172 -8.17 7.30 -2.02
CA LYS A 172 -9.35 6.81 -1.27
C LYS A 172 -10.48 7.85 -1.33
N ALA A 173 -10.14 9.11 -1.11
CA ALA A 173 -11.06 10.28 -1.18
C ALA A 173 -11.66 10.36 -2.58
N ALA A 174 -10.83 10.39 -3.62
CA ALA A 174 -11.27 10.42 -5.04
C ALA A 174 -12.29 9.29 -5.26
N ASP A 175 -11.94 8.10 -4.83
CA ASP A 175 -12.79 6.90 -5.02
C ASP A 175 -14.07 7.08 -4.20
N VAL A 176 -13.96 7.54 -2.95
CA VAL A 176 -15.13 7.48 -2.05
C VAL A 176 -16.17 8.52 -2.52
N PHE A 177 -15.78 9.53 -3.29
CA PHE A 177 -16.71 10.63 -3.66
C PHE A 177 -17.00 10.72 -5.17
N LEU A 178 -16.25 10.10 -6.10
CA LEU A 178 -16.38 10.42 -7.57
C LEU A 178 -16.75 9.20 -8.45
N ASP A 179 -17.86 9.28 -9.20
CA ASP A 179 -18.23 8.24 -10.20
C ASP A 179 -17.72 8.66 -11.57
N ASP A 180 -17.71 7.72 -12.52
CA ASP A 180 -17.47 8.00 -13.96
C ASP A 180 -18.33 9.21 -14.37
N GLY A 181 -17.72 10.25 -14.93
CA GLY A 181 -18.43 11.42 -15.46
C GLY A 181 -18.76 12.47 -14.41
N ASP A 182 -18.40 12.24 -13.13
CA ASP A 182 -18.55 13.27 -12.05
C ASP A 182 -17.47 14.35 -12.24
N VAL A 183 -17.70 15.54 -11.70
CA VAL A 183 -16.74 16.70 -11.76
C VAL A 183 -16.17 16.98 -10.37
N ILE A 184 -14.86 17.22 -10.31
CA ILE A 184 -14.14 17.66 -9.09
C ILE A 184 -13.50 19.02 -9.36
N LEU A 185 -13.75 19.99 -8.49
CA LEU A 185 -13.04 21.28 -8.55
C LEU A 185 -11.69 21.05 -7.88
N VAL A 186 -10.65 21.59 -8.53
CA VAL A 186 -9.24 21.46 -8.15
C VAL A 186 -8.58 22.84 -8.31
N GLU A 187 -7.67 23.21 -7.43
CA GLU A 187 -6.94 24.50 -7.59
C GLU A 187 -6.12 24.41 -8.88
N GLU A 188 -6.19 25.44 -9.71
CA GLU A 188 -5.64 25.45 -11.09
C GLU A 188 -4.16 25.06 -11.06
N PHE A 189 -3.42 25.50 -10.02
CA PHE A 189 -2.09 24.96 -9.65
C PHE A 189 -2.29 24.05 -8.44
N THR A 190 -1.82 22.79 -8.52
CA THR A 190 -2.07 21.75 -7.49
C THR A 190 -0.93 20.72 -7.38
N PHE A 191 -1.07 19.82 -6.41
CA PHE A 191 -0.33 18.54 -6.33
C PHE A 191 -0.81 17.65 -7.48
N SER A 192 -0.04 17.64 -8.59
CA SER A 192 -0.33 17.00 -9.91
C SER A 192 -0.79 15.54 -9.77
N PRO A 193 -0.15 14.70 -8.92
CA PRO A 193 -0.57 13.31 -8.74
C PRO A 193 -2.07 13.17 -8.46
N PHE A 194 -2.72 14.14 -7.80
CA PHE A 194 -4.17 14.06 -7.48
C PHE A 194 -4.97 13.73 -8.76
N LEU A 195 -4.67 14.40 -9.88
CA LEU A 195 -5.34 14.20 -11.20
C LEU A 195 -5.40 12.70 -11.55
N ARG A 196 -4.35 11.93 -11.28
CA ARG A 196 -4.36 10.48 -11.67
C ARG A 196 -5.40 9.76 -10.82
N PHE A 197 -5.61 10.21 -9.59
CA PHE A 197 -6.61 9.59 -8.67
C PHE A 197 -8.02 9.92 -9.18
N SER A 198 -8.29 11.20 -9.44
CA SER A 198 -9.58 11.67 -10.01
C SER A 198 -9.80 10.98 -11.36
N ASP A 199 -8.78 10.97 -12.22
CA ASP A 199 -8.86 10.30 -13.55
C ASP A 199 -9.24 8.82 -13.36
N ASN A 200 -8.65 8.16 -12.37
CA ASN A 200 -8.93 6.73 -12.04
C ASN A 200 -10.37 6.58 -11.55
N ALA A 201 -10.95 7.62 -10.96
CA ALA A 201 -12.31 7.55 -10.40
C ALA A 201 -13.32 7.82 -11.53
N GLY A 202 -12.84 8.25 -12.69
CA GLY A 202 -13.69 8.54 -13.86
C GLY A 202 -14.16 9.99 -13.93
N ALA A 203 -13.61 10.86 -13.07
CA ALA A 203 -14.11 12.25 -12.84
C ALA A 203 -13.33 13.24 -13.70
N LYS A 204 -13.94 14.38 -14.01
CA LYS A 204 -13.28 15.47 -14.78
C LYS A 204 -12.87 16.57 -13.79
N ALA A 205 -11.60 16.98 -13.83
CA ALA A 205 -11.04 18.03 -12.97
C ALA A 205 -11.28 19.38 -13.65
N VAL A 206 -12.15 20.21 -13.08
CA VAL A 206 -12.31 21.64 -13.49
C VAL A 206 -11.40 22.48 -12.60
N PRO A 207 -10.55 23.33 -13.20
CA PRO A 207 -9.68 24.23 -12.44
C PRO A 207 -10.42 25.42 -11.80
N VAL A 208 -10.09 25.70 -10.52
CA VAL A 208 -10.52 26.90 -9.74
C VAL A 208 -9.36 27.91 -9.66
N LYS A 209 -9.57 29.16 -10.12
CA LYS A 209 -8.49 30.16 -10.34
C LYS A 209 -7.80 30.48 -9.00
N ILE A 210 -6.49 30.67 -9.03
CA ILE A 210 -5.74 31.23 -7.87
C ILE A 210 -5.52 32.73 -8.11
N ASN A 211 -5.90 33.55 -7.13
CA ASN A 211 -5.43 34.95 -6.95
C ASN A 211 -3.98 34.93 -6.48
N PHE A 212 -3.09 35.64 -7.17
CA PHE A 212 -1.64 35.72 -6.87
C PHE A 212 -1.29 36.98 -6.07
N ASP A 213 -2.27 37.70 -5.51
CA ASP A 213 -2.02 38.91 -4.67
C ASP A 213 -1.23 38.44 -3.45
N ASN A 214 -0.25 39.21 -2.95
CA ASN A 214 0.54 38.83 -1.73
C ASN A 214 -0.47 38.66 -0.59
N ASP A 215 -1.52 39.48 -0.57
CA ASP A 215 -2.81 39.37 0.15
C ASP A 215 -3.37 37.93 0.21
N SER A 216 -3.36 37.20 -0.91
CA SER A 216 -4.29 36.11 -1.33
C SER A 216 -4.54 35.05 -0.25
N ASP A 217 -5.79 34.56 -0.19
CA ASP A 217 -6.15 33.29 0.49
C ASP A 217 -5.68 32.10 -0.36
N GLY A 218 -5.36 32.31 -1.65
CA GLY A 218 -5.17 31.27 -2.68
C GLY A 218 -6.35 31.26 -3.66
N ILE A 219 -7.18 30.23 -3.61
CA ILE A 219 -8.48 30.24 -4.36
C ILE A 219 -8.98 31.69 -4.36
N ASP A 220 -9.13 32.26 -5.53
CA ASP A 220 -9.83 33.55 -5.73
C ASP A 220 -11.32 33.33 -5.47
N LEU A 221 -11.86 33.81 -4.35
CA LEU A 221 -13.23 33.43 -3.92
C LEU A 221 -14.26 34.05 -4.87
N THR A 222 -13.97 35.24 -5.42
CA THR A 222 -14.85 35.99 -6.35
C THR A 222 -15.09 35.13 -7.60
N GLN A 223 -14.05 34.61 -8.26
CA GLN A 223 -14.18 33.77 -9.48
C GLN A 223 -14.68 32.36 -9.11
N PHE A 224 -14.56 31.94 -7.85
CA PHE A 224 -15.09 30.65 -7.37
C PHE A 224 -16.62 30.74 -7.25
N VAL A 225 -17.09 31.86 -6.71
CA VAL A 225 -18.56 32.11 -6.55
C VAL A 225 -19.19 32.28 -7.94
N ASP A 226 -18.45 32.87 -8.90
CA ASP A 226 -18.91 33.07 -10.31
C ASP A 226 -19.09 31.70 -10.93
N LEU A 227 -18.03 30.89 -10.90
CA LEU A 227 -18.00 29.55 -11.54
C LEU A 227 -19.26 28.81 -11.11
N LEU A 228 -19.58 28.92 -9.83
CA LEU A 228 -20.69 28.15 -9.22
C LEU A 228 -22.04 28.77 -9.58
N GLU A 229 -22.17 30.10 -9.52
CA GLU A 229 -23.45 30.80 -9.81
C GLU A 229 -23.79 30.66 -11.31
N ASN A 230 -22.79 30.62 -12.20
CA ASN A 230 -22.96 30.68 -13.68
C ASN A 230 -22.33 29.44 -14.33
N TRP A 231 -22.53 28.25 -13.73
CA TRP A 231 -21.85 26.96 -14.07
C TRP A 231 -22.19 26.54 -15.50
N GLU A 232 -23.42 26.80 -15.92
CA GLU A 232 -23.98 26.28 -17.20
C GLU A 232 -23.44 27.12 -18.35
N LYS A 233 -23.04 28.38 -18.08
CA LYS A 233 -22.33 29.25 -19.06
C LYS A 233 -20.86 28.80 -19.16
N HIS A 234 -20.24 28.37 -18.06
CA HIS A 234 -18.82 27.94 -18.03
C HIS A 234 -18.66 26.56 -18.69
N TYR A 235 -19.41 25.56 -18.22
CA TYR A 235 -19.26 24.14 -18.64
C TYR A 235 -20.65 23.54 -18.87
N PRO A 236 -21.31 23.89 -20.00
CA PRO A 236 -22.68 23.48 -20.27
C PRO A 236 -22.87 21.96 -20.43
N ASN A 237 -21.79 21.23 -20.72
CA ASN A 237 -21.74 19.77 -20.98
C ASN A 237 -21.68 18.96 -19.67
N LEU A 238 -21.09 19.54 -18.62
CA LEU A 238 -20.56 18.81 -17.44
C LEU A 238 -21.54 18.87 -16.28
N PRO A 239 -21.66 17.79 -15.46
CA PRO A 239 -22.51 17.84 -14.27
C PRO A 239 -22.06 18.96 -13.31
N LYS A 240 -22.87 19.27 -12.29
CA LYS A 240 -22.50 20.21 -11.18
C LYS A 240 -21.36 19.56 -10.39
N PRO A 241 -20.44 20.32 -9.77
CA PRO A 241 -19.23 19.73 -9.21
C PRO A 241 -19.64 18.75 -8.10
N LYS A 242 -18.95 17.62 -8.01
CA LYS A 242 -19.19 16.62 -6.95
C LYS A 242 -18.38 16.98 -5.71
N ALA A 243 -17.19 17.53 -5.87
CA ALA A 243 -16.29 17.88 -4.74
C ALA A 243 -15.32 19.00 -5.12
N LEU A 244 -14.62 19.50 -4.10
CA LEU A 244 -13.47 20.41 -4.21
C LEU A 244 -12.24 19.71 -3.62
N TYR A 245 -11.12 19.65 -4.34
CA TYR A 245 -9.81 19.29 -3.74
C TYR A 245 -9.08 20.60 -3.37
N THR A 246 -8.75 20.76 -2.08
CA THR A 246 -8.15 22.01 -1.58
C THR A 246 -7.03 21.71 -0.59
N ILE A 247 -5.84 22.21 -0.90
CA ILE A 247 -4.67 22.18 0.01
C ILE A 247 -4.72 23.54 0.71
N ALA A 248 -5.57 23.66 1.72
CA ALA A 248 -6.12 24.96 2.19
C ALA A 248 -4.99 25.75 2.86
N THR A 249 -4.14 25.06 3.62
CA THR A 249 -2.99 25.62 4.37
C THR A 249 -1.68 25.16 3.73
N GLY A 250 -0.85 26.13 3.34
CA GLY A 250 0.45 25.87 2.71
C GLY A 250 0.23 25.24 1.34
N GLN A 251 -0.67 25.84 0.55
CA GLN A 251 -1.10 25.34 -0.78
C GLN A 251 0.14 24.95 -1.62
N ASN A 252 0.10 23.72 -2.12
CA ASN A 252 1.04 23.13 -3.08
C ASN A 252 0.48 23.40 -4.47
N PRO A 253 1.15 24.23 -5.28
CA PRO A 253 2.47 24.76 -4.96
C PRO A 253 2.57 26.20 -4.46
N THR A 254 1.48 26.97 -4.47
CA THR A 254 1.54 28.46 -4.40
C THR A 254 2.03 28.94 -3.04
N GLY A 255 1.68 28.23 -1.97
CA GLY A 255 2.13 28.50 -0.58
C GLY A 255 1.08 29.23 0.26
N PHE A 256 -0.04 29.63 -0.36
CA PHE A 256 -1.12 30.45 0.26
C PHE A 256 -1.80 29.64 1.36
N THR A 257 -2.22 30.28 2.45
CA THR A 257 -3.11 29.73 3.51
C THR A 257 -4.44 30.49 3.47
N GLN A 258 -5.56 29.75 3.40
CA GLN A 258 -6.94 30.28 3.51
C GLN A 258 -7.20 30.71 4.98
N SER A 259 -7.67 31.95 5.19
CA SER A 259 -8.04 32.42 6.56
C SER A 259 -9.21 31.57 7.06
N LEU A 260 -9.50 31.63 8.37
CA LEU A 260 -10.69 30.99 8.99
C LEU A 260 -11.96 31.49 8.28
N GLU A 261 -12.05 32.78 7.98
CA GLU A 261 -13.34 33.36 7.55
C GLU A 261 -13.56 33.01 6.07
N PHE A 262 -12.47 32.83 5.29
CA PHE A 262 -12.49 32.40 3.87
C PHE A 262 -12.96 30.93 3.76
N ARG A 263 -12.56 30.08 4.72
CA ARG A 263 -13.00 28.66 4.79
C ARG A 263 -14.50 28.61 5.10
N LYS A 264 -15.00 29.46 6.00
CA LYS A 264 -16.45 29.56 6.32
C LYS A 264 -17.21 29.85 5.02
N LYS A 265 -16.65 30.74 4.21
CA LYS A 265 -17.28 31.12 2.92
C LYS A 265 -17.26 29.89 1.99
N ILE A 266 -16.10 29.22 1.84
CA ILE A 266 -15.97 27.96 1.04
C ILE A 266 -16.93 26.91 1.61
N TYR A 267 -16.94 26.68 2.92
CA TYR A 267 -17.82 25.66 3.54
C TYR A 267 -19.28 25.97 3.17
N ASP A 268 -19.65 27.24 3.29
CA ASP A 268 -21.04 27.69 3.02
C ASP A 268 -21.38 27.44 1.56
N LEU A 269 -20.44 27.60 0.62
CA LEU A 269 -20.70 27.34 -0.82
C LEU A 269 -20.86 25.82 -0.98
N ALA A 270 -20.13 25.04 -0.18
CA ALA A 270 -20.13 23.56 -0.24
C ALA A 270 -21.52 23.06 0.18
N VAL A 271 -22.10 23.60 1.24
CA VAL A 271 -23.50 23.24 1.68
C VAL A 271 -24.49 23.70 0.61
N LYS A 272 -24.34 24.92 0.07
CA LYS A 272 -25.32 25.53 -0.88
C LYS A 272 -25.36 24.73 -2.18
N TYR A 273 -24.21 24.43 -2.76
CA TYR A 273 -24.09 23.70 -4.04
C TYR A 273 -23.93 22.19 -3.75
N ASP A 274 -23.94 21.82 -2.46
CA ASP A 274 -23.95 20.43 -1.91
C ASP A 274 -22.77 19.59 -2.42
N PHE A 275 -21.52 20.08 -2.38
CA PHE A 275 -20.30 19.28 -2.73
C PHE A 275 -19.51 18.86 -1.47
N ALA A 276 -18.72 17.77 -1.56
CA ALA A 276 -17.77 17.32 -0.51
C ALA A 276 -16.46 18.11 -0.62
N ILE A 277 -15.76 18.28 0.51
CA ILE A 277 -14.41 18.91 0.59
C ILE A 277 -13.36 17.86 0.95
N ILE A 278 -12.44 17.63 0.01
CA ILE A 278 -11.18 16.87 0.28
C ILE A 278 -10.12 17.89 0.70
N GLU A 279 -9.93 18.00 2.00
CA GLU A 279 -8.90 18.84 2.67
C GLU A 279 -7.60 18.05 2.73
N ASP A 280 -6.54 18.49 2.02
CA ASP A 280 -5.16 17.91 2.08
C ASP A 280 -4.31 18.83 2.98
N ASP A 281 -3.80 18.35 4.13
CA ASP A 281 -2.94 19.16 5.04
C ASP A 281 -1.71 18.36 5.50
N PRO A 282 -0.65 18.27 4.66
CA PRO A 282 0.62 17.66 5.05
C PRO A 282 1.53 18.47 5.96
N TYR A 283 1.39 19.80 5.97
CA TYR A 283 2.32 20.68 6.72
C TYR A 283 1.61 21.84 7.43
N GLY A 284 0.29 21.87 7.48
CA GLY A 284 -0.44 22.94 8.17
C GLY A 284 0.08 23.16 9.58
N TYR A 285 0.59 22.12 10.21
CA TYR A 285 1.11 22.16 11.60
C TYR A 285 2.31 23.10 11.64
N LEU A 286 3.12 23.16 10.57
CA LEU A 286 4.35 24.00 10.48
C LEU A 286 3.94 25.42 10.09
N THR A 287 3.26 26.12 10.98
CA THR A 287 2.85 27.55 10.83
C THR A 287 4.13 28.38 10.87
N LEU A 288 4.18 29.47 10.13
CA LEU A 288 5.40 30.31 9.98
C LEU A 288 5.03 31.77 10.31
N PRO A 289 5.77 32.42 11.24
CA PRO A 289 5.57 33.85 11.50
C PRO A 289 5.94 34.68 10.27
N LYS A 290 5.21 35.76 9.97
CA LYS A 290 5.47 36.56 8.74
C LYS A 290 6.93 37.09 8.79
N TYR A 291 7.50 37.35 7.61
CA TYR A 291 8.96 37.61 7.43
C TYR A 291 9.47 38.72 8.37
N GLU A 292 10.64 38.47 8.97
CA GLU A 292 11.51 39.46 9.68
C GLU A 292 12.94 39.20 9.21
N LYS A 293 13.78 40.24 9.11
CA LYS A 293 15.23 40.11 8.74
C LYS A 293 15.94 39.21 9.75
N PRO A 294 16.42 38.00 9.37
CA PRO A 294 17.08 37.09 10.33
C PRO A 294 18.51 37.50 10.72
N ASN A 295 19.17 36.70 11.58
CA ASN A 295 20.53 36.97 12.15
C ASN A 295 20.44 38.13 13.15
N LEU A 310 7.46 29.37 21.92
CA LEU A 310 6.03 29.13 21.57
C LEU A 310 5.51 27.94 22.38
N GLU A 311 4.34 28.09 23.00
CA GLU A 311 3.72 27.09 23.91
C GLU A 311 2.52 26.44 23.19
N ILE A 312 2.40 25.11 23.29
CA ILE A 312 1.31 24.28 22.69
C ILE A 312 0.00 25.08 22.65
N ASP A 313 -0.47 25.56 23.79
CA ASP A 313 -1.82 26.16 23.92
C ASP A 313 -1.91 27.42 23.06
N ASP A 314 -0.78 28.10 22.85
CA ASP A 314 -0.64 29.40 22.14
C ASP A 314 -0.56 29.14 20.63
N TYR A 315 0.18 28.12 20.25
CA TYR A 315 0.10 27.51 18.90
C TYR A 315 -1.34 27.06 18.64
N LEU A 316 -1.85 26.10 19.41
CA LEU A 316 -3.20 25.55 19.20
C LEU A 316 -4.18 26.71 19.15
N LYS A 317 -4.17 27.59 20.16
CA LYS A 317 -5.26 28.61 20.38
C LYS A 317 -5.16 29.71 19.30
N ASN A 318 -3.97 29.99 18.75
CA ASN A 318 -3.71 31.28 18.04
C ASN A 318 -2.87 31.16 16.75
N HIS A 319 -2.05 30.12 16.53
CA HIS A 319 -1.16 30.03 15.33
C HIS A 319 -1.79 29.13 14.27
N LEU A 320 -2.30 27.97 14.67
CA LEU A 320 -2.86 26.96 13.75
C LEU A 320 -4.17 27.46 13.14
N THR A 321 -4.26 27.54 11.81
CA THR A 321 -5.53 27.86 11.10
C THR A 321 -6.47 26.68 11.18
N PRO A 322 -7.71 26.87 11.68
CA PRO A 322 -8.72 25.82 11.71
C PRO A 322 -8.94 25.01 10.41
N SER A 323 -9.26 23.74 10.59
CA SER A 323 -9.52 22.76 9.52
C SER A 323 -10.99 22.81 9.17
N TYR A 324 -11.32 22.59 7.90
CA TYR A 324 -12.73 22.42 7.45
C TYR A 324 -13.44 21.43 8.37
N LEU A 325 -12.72 20.55 9.07
CA LEU A 325 -13.34 19.59 10.02
C LEU A 325 -14.04 20.39 11.12
N GLU A 326 -13.47 21.54 11.46
CA GLU A 326 -13.98 22.36 12.56
C GLU A 326 -15.22 23.11 12.07
N LEU A 327 -15.45 23.17 10.74
CA LEU A 327 -16.65 23.81 10.14
C LEU A 327 -17.76 22.78 9.86
N ASP A 328 -17.39 21.50 9.66
CA ASP A 328 -18.29 20.44 9.18
C ASP A 328 -19.28 20.03 10.29
N THR A 329 -20.58 20.01 9.97
CA THR A 329 -21.69 19.55 10.83
C THR A 329 -22.29 18.23 10.31
N THR A 330 -21.99 17.82 9.07
CA THR A 330 -22.76 16.74 8.36
C THR A 330 -21.87 15.59 7.85
N GLY A 331 -20.54 15.76 7.82
CA GLY A 331 -19.59 14.75 7.28
C GLY A 331 -19.20 15.03 5.84
N ARG A 332 -19.43 16.27 5.42
CA ARG A 332 -19.14 16.80 4.06
C ARG A 332 -17.62 16.72 3.78
N VAL A 333 -16.82 16.78 4.86
CA VAL A 333 -15.35 17.04 4.80
C VAL A 333 -14.62 15.73 5.05
N LEU A 334 -13.60 15.49 4.23
CA LEU A 334 -12.69 14.35 4.40
C LEU A 334 -11.30 14.96 4.51
N ARG A 335 -10.63 14.73 5.62
CA ARG A 335 -9.30 15.34 5.86
C ARG A 335 -8.23 14.27 5.60
N VAL A 336 -7.17 14.65 4.88
CA VAL A 336 -6.00 13.79 4.53
C VAL A 336 -4.80 14.26 5.35
N GLU A 337 -4.33 13.39 6.25
CA GLU A 337 -3.13 13.59 7.10
C GLU A 337 -2.05 12.59 6.64
N THR A 338 -0.79 12.92 6.89
CA THR A 338 0.37 12.07 6.51
C THR A 338 1.43 12.19 7.60
N PHE A 339 2.24 11.16 7.72
CA PHE A 339 3.42 11.20 8.61
C PHE A 339 4.61 11.60 7.74
N SER A 340 4.40 11.90 6.46
CA SER A 340 5.49 12.03 5.47
C SER A 340 6.40 13.20 5.84
N LYS A 341 5.78 14.37 6.03
CA LYS A 341 6.49 15.63 6.15
C LYS A 341 6.88 15.88 7.63
N LEU A 342 6.18 15.26 8.59
CA LEU A 342 6.39 15.49 10.03
C LEU A 342 7.40 14.50 10.63
N PHE A 343 7.36 13.21 10.23
CA PHE A 343 8.26 12.11 10.67
C PHE A 343 9.26 11.81 9.54
N ALA A 344 8.79 11.16 8.46
CA ALA A 344 9.63 10.74 7.31
C ALA A 344 8.74 10.24 6.15
N PRO A 345 9.05 10.59 4.88
CA PRO A 345 8.27 10.06 3.76
C PRO A 345 8.29 8.53 3.54
N GLY A 346 9.44 7.88 3.77
CA GLY A 346 9.67 6.43 3.54
C GLY A 346 8.91 5.55 4.52
N LEU A 347 8.18 6.13 5.49
CA LEU A 347 7.22 5.32 6.29
C LEU A 347 6.09 4.77 5.40
N ARG A 348 5.53 5.59 4.50
CA ARG A 348 4.29 5.23 3.76
C ARG A 348 3.21 4.98 4.83
N LEU A 349 3.02 5.97 5.71
CA LEU A 349 1.98 5.96 6.78
C LEU A 349 1.27 7.32 6.78
N GLY A 350 -0.05 7.28 6.98
CA GLY A 350 -0.91 8.47 7.16
C GLY A 350 -2.22 8.07 7.80
N PHE A 351 -3.23 8.92 7.76
CA PHE A 351 -4.62 8.57 8.14
C PHE A 351 -5.56 9.61 7.55
N ILE A 352 -6.85 9.27 7.55
CA ILE A 352 -7.94 10.18 7.11
C ILE A 352 -8.94 10.32 8.24
N VAL A 353 -9.53 11.49 8.31
CA VAL A 353 -10.69 11.80 9.19
C VAL A 353 -11.88 11.97 8.26
N GLY A 354 -12.96 11.27 8.53
CA GLY A 354 -14.24 11.47 7.83
C GLY A 354 -15.41 10.89 8.60
N HIS A 355 -16.62 11.04 8.06
CA HIS A 355 -17.86 10.42 8.59
C HIS A 355 -17.65 8.91 8.68
N LYS A 356 -18.36 8.21 9.57
CA LYS A 356 -18.23 6.74 9.74
C LYS A 356 -18.57 6.06 8.41
N GLU A 357 -19.62 6.49 7.69
CA GLU A 357 -20.10 5.87 6.43
C GLU A 357 -19.08 6.05 5.29
N VAL A 358 -18.44 7.21 5.17
CA VAL A 358 -17.33 7.43 4.19
C VAL A 358 -16.19 6.45 4.48
N ILE A 359 -15.81 6.28 5.74
CA ILE A 359 -14.59 5.51 6.13
C ILE A 359 -14.85 4.02 5.90
N ASP A 360 -16.11 3.57 6.05
CA ASP A 360 -16.51 2.15 5.81
C ASP A 360 -16.34 1.83 4.34
N ALA A 361 -16.89 2.69 3.48
CA ALA A 361 -16.64 2.70 2.02
C ALA A 361 -15.14 2.64 1.75
N VAL A 362 -14.35 3.56 2.29
CA VAL A 362 -12.87 3.61 2.10
C VAL A 362 -12.27 2.27 2.54
N LYS A 363 -12.69 1.73 3.68
CA LYS A 363 -12.30 0.35 4.10
C LYS A 363 -12.51 -0.67 2.96
N ASN A 364 -13.70 -0.78 2.40
CA ASN A 364 -14.01 -1.81 1.39
C ASN A 364 -13.12 -1.60 0.16
N TYR A 365 -12.72 -0.36 -0.12
CA TYR A 365 -11.87 -0.05 -1.31
C TYR A 365 -10.43 -0.52 -1.04
N SER A 366 -9.96 -0.28 0.18
CA SER A 366 -8.65 -0.75 0.67
C SER A 366 -8.57 -2.28 0.53
N ASP A 367 -9.62 -2.96 1.03
CA ASP A 367 -9.76 -4.44 0.96
C ASP A 367 -9.41 -4.85 -0.49
N VAL A 368 -9.66 -4.00 -1.49
CA VAL A 368 -9.39 -4.34 -2.92
C VAL A 368 -7.96 -3.96 -3.26
N VAL A 369 -7.63 -2.67 -3.17
CA VAL A 369 -6.45 -2.12 -3.89
C VAL A 369 -5.28 -1.87 -2.93
N ASN A 370 -5.48 -1.90 -1.61
CA ASN A 370 -4.42 -1.52 -0.63
C ASN A 370 -4.78 -2.07 0.75
N ARG A 371 -4.32 -3.28 1.02
CA ARG A 371 -4.71 -4.11 2.19
C ARG A 371 -3.81 -3.74 3.37
N GLY A 372 -3.87 -2.48 3.77
CA GLY A 372 -3.34 -2.01 5.06
C GLY A 372 -1.89 -1.54 4.99
N ALA A 373 -1.60 -0.48 5.73
CA ALA A 373 -0.25 0.06 5.94
C ALA A 373 0.63 -1.04 6.54
N SER A 374 1.94 -0.98 6.33
CA SER A 374 2.88 -1.95 6.94
C SER A 374 2.59 -2.03 8.45
N GLY A 375 2.44 -3.22 9.00
CA GLY A 375 2.28 -3.39 10.44
C GLY A 375 3.56 -3.02 11.16
N LEU A 376 4.71 -3.39 10.59
CA LEU A 376 6.02 -3.12 11.23
C LEU A 376 6.18 -1.59 11.37
N THR A 377 5.83 -0.85 10.34
CA THR A 377 5.90 0.62 10.31
C THR A 377 4.90 1.22 11.32
N GLN A 378 3.66 0.70 11.39
CA GLN A 378 2.67 1.20 12.37
C GLN A 378 3.31 1.06 13.76
N THR A 379 4.01 -0.06 13.96
CA THR A 379 4.61 -0.49 15.25
C THR A 379 5.69 0.51 15.64
N ILE A 380 6.74 0.67 14.80
CA ILE A 380 7.86 1.64 15.02
C ILE A 380 7.29 3.05 15.21
N VAL A 381 6.35 3.53 14.38
CA VAL A 381 5.79 4.90 14.52
C VAL A 381 4.88 5.01 15.77
N ASN A 382 3.93 4.09 15.98
CA ASN A 382 3.07 4.11 17.19
C ASN A 382 3.94 4.22 18.44
N ASN A 383 4.95 3.37 18.55
CA ASN A 383 5.71 3.18 19.81
C ASN A 383 6.62 4.40 20.01
N VAL A 384 7.42 4.77 19.00
CA VAL A 384 8.28 6.00 19.03
C VAL A 384 7.44 7.15 19.62
N ILE A 385 6.21 7.32 19.13
CA ILE A 385 5.34 8.47 19.50
C ILE A 385 4.81 8.24 20.92
N GLN A 386 4.48 7.01 21.32
CA GLN A 386 3.93 6.77 22.69
C GLN A 386 5.06 6.67 23.73
N GLU A 387 6.12 5.90 23.48
CA GLU A 387 7.19 5.64 24.49
C GLU A 387 8.06 6.89 24.62
N ASN A 388 8.58 7.40 23.50
CA ASN A 388 9.61 8.47 23.50
C ASN A 388 8.94 9.82 23.75
N PHE A 389 7.85 10.12 23.03
CA PHE A 389 7.22 11.46 22.98
C PHE A 389 6.01 11.55 23.92
N LYS A 390 5.61 10.44 24.55
CA LYS A 390 4.62 10.41 25.66
C LYS A 390 3.26 10.95 25.19
N GLY A 391 2.95 10.79 23.90
CA GLY A 391 1.58 10.95 23.35
C GLY A 391 1.37 12.22 22.56
N VAL A 392 0.18 12.77 22.64
CA VAL A 392 -0.23 13.89 21.75
C VAL A 392 0.60 15.15 22.04
N ASP A 393 0.63 15.63 23.27
CA ASP A 393 1.25 16.95 23.55
C ASP A 393 2.74 16.84 23.17
N GLY A 394 3.36 15.70 23.46
CA GLY A 394 4.80 15.49 23.19
C GLY A 394 5.12 15.49 21.71
N TRP A 395 4.21 14.97 20.88
CA TRP A 395 4.36 14.95 19.40
C TRP A 395 4.21 16.37 18.89
N LEU A 396 3.26 17.13 19.41
CA LEU A 396 3.16 18.57 19.04
C LEU A 396 4.48 19.29 19.40
N GLU A 397 5.15 18.95 20.51
CA GLU A 397 6.43 19.60 20.95
C GLU A 397 7.53 19.30 19.92
N TRP A 398 7.55 18.12 19.29
CA TRP A 398 8.53 17.79 18.22
C TRP A 398 8.16 18.53 16.93
N ILE A 399 6.87 18.53 16.56
CA ILE A 399 6.30 19.37 15.45
C ILE A 399 6.76 20.83 15.62
N LEU A 400 6.79 21.37 16.84
CA LEU A 400 7.22 22.78 17.12
C LEU A 400 8.74 22.97 16.90
N LYS A 401 9.58 22.03 17.31
CA LYS A 401 11.03 22.05 16.95
C LYS A 401 11.19 22.21 15.42
N MET A 402 10.54 21.37 14.61
CA MET A 402 10.66 21.42 13.12
C MET A 402 10.20 22.78 12.62
N ARG A 403 9.03 23.22 13.10
CA ARG A 403 8.46 24.58 12.89
C ARG A 403 9.58 25.63 12.93
N LEU A 404 10.35 25.65 14.03
CA LEU A 404 11.43 26.65 14.25
C LEU A 404 12.44 26.56 13.10
N ASN A 405 12.77 25.35 12.66
CA ASN A 405 13.76 25.15 11.57
C ASN A 405 13.16 25.74 10.29
N TYR A 406 12.06 25.16 9.78
CA TYR A 406 11.39 25.51 8.50
C TYR A 406 11.11 27.02 8.48
N SER A 407 10.80 27.59 9.65
CA SER A 407 10.66 29.03 9.92
C SER A 407 11.96 29.78 9.60
N TYR A 408 13.07 29.43 10.25
CA TYR A 408 14.40 30.06 10.01
C TYR A 408 14.78 29.89 8.53
N ARG A 409 14.45 28.75 7.91
CA ARG A 409 14.85 28.41 6.51
C ARG A 409 14.13 29.30 5.50
N LYS A 410 12.81 29.40 5.63
CA LYS A 410 11.96 30.22 4.75
C LYS A 410 12.47 31.67 4.78
N ASP A 411 12.77 32.23 5.96
CA ASP A 411 13.23 33.64 6.09
C ASP A 411 14.63 33.77 5.49
N LEU A 412 15.52 32.80 5.73
CA LEU A 412 16.87 32.84 5.11
C LEU A 412 16.68 32.87 3.59
N LEU A 413 15.69 32.15 3.07
CA LEU A 413 15.48 32.08 1.60
C LEU A 413 15.00 33.44 1.11
N LEU A 414 14.07 34.04 1.84
CA LEU A 414 13.44 35.32 1.45
C LEU A 414 14.47 36.45 1.61
N TYR A 415 15.25 36.43 2.69
CA TYR A 415 16.33 37.42 2.94
C TYR A 415 17.30 37.39 1.75
N SER A 416 17.66 36.18 1.33
CA SER A 416 18.54 35.90 0.17
C SER A 416 17.92 36.49 -1.09
N ILE A 417 16.60 36.41 -1.25
CA ILE A 417 15.93 36.93 -2.47
C ILE A 417 15.86 38.46 -2.38
N PHE A 418 15.53 39.00 -1.21
CA PHE A 418 15.26 40.44 -1.02
C PHE A 418 16.53 41.29 -1.22
N GLU A 419 17.72 40.72 -0.94
CA GLU A 419 19.04 41.41 -1.01
C GLU A 419 19.68 41.30 -2.41
N SER A 420 18.95 40.82 -3.43
CA SER A 420 19.47 40.57 -4.79
C SER A 420 19.04 41.68 -5.76
N GLN A 421 19.81 41.90 -6.82
CA GLN A 421 19.46 42.90 -7.86
C GLN A 421 18.16 42.47 -8.55
N ALA A 422 17.90 41.18 -8.74
CA ALA A 422 16.66 40.67 -9.40
C ALA A 422 15.42 41.12 -8.62
N TYR A 423 15.45 41.03 -7.29
CA TYR A 423 14.36 41.58 -6.45
C TYR A 423 14.38 43.10 -6.62
N LYS A 424 15.52 43.74 -6.37
CA LYS A 424 15.64 45.22 -6.25
C LYS A 424 15.23 45.89 -7.56
N LYS A 425 15.59 45.29 -8.71
CA LYS A 425 15.32 45.80 -10.08
C LYS A 425 13.86 45.52 -10.47
N GLY A 426 13.16 44.67 -9.70
CA GLY A 426 11.75 44.30 -9.91
C GLY A 426 11.54 43.08 -10.81
N TYR A 427 12.55 42.23 -11.01
CA TYR A 427 12.53 41.10 -11.97
C TYR A 427 11.96 39.84 -11.30
N VAL A 428 11.90 39.83 -9.98
CA VAL A 428 11.28 38.71 -9.23
C VAL A 428 10.44 39.30 -8.09
N ASP A 429 9.69 38.46 -7.39
CA ASP A 429 9.00 38.77 -6.11
C ASP A 429 8.70 37.43 -5.42
N VAL A 430 8.55 37.43 -4.09
CA VAL A 430 8.26 36.21 -3.28
C VAL A 430 7.02 36.49 -2.46
N ILE A 431 6.17 35.47 -2.35
CA ILE A 431 5.05 35.40 -1.38
C ILE A 431 5.64 34.97 -0.04
N ASP A 432 5.27 35.69 1.03
CA ASP A 432 5.43 35.25 2.42
C ASP A 432 4.40 34.14 2.69
N PRO A 433 4.81 32.84 2.66
CA PRO A 433 3.94 31.73 3.05
C PRO A 433 3.72 31.72 4.56
N LYS A 434 2.57 31.22 5.01
CA LYS A 434 2.10 31.25 6.41
C LYS A 434 2.26 29.86 7.02
N ALA A 435 2.55 28.84 6.19
CA ALA A 435 2.82 27.47 6.66
C ALA A 435 3.52 26.66 5.58
N GLY A 436 4.28 25.65 6.00
CA GLY A 436 4.84 24.62 5.12
C GLY A 436 6.24 24.94 4.63
N MET A 437 6.56 24.46 3.42
CA MET A 437 7.94 24.24 2.95
C MET A 437 8.10 24.74 1.52
N PHE A 438 7.15 25.56 1.02
CA PHE A 438 7.10 26.05 -0.40
C PHE A 438 6.91 27.57 -0.47
N VAL A 439 7.39 28.17 -1.57
CA VAL A 439 7.34 29.63 -1.84
C VAL A 439 7.05 29.86 -3.31
N THR A 440 6.07 30.68 -3.64
CA THR A 440 5.85 31.17 -5.02
C THR A 440 6.90 32.25 -5.29
N PHE A 441 7.83 31.95 -6.19
CA PHE A 441 8.84 32.89 -6.73
C PHE A 441 8.26 33.43 -8.06
N LYS A 442 7.68 34.63 -8.04
CA LYS A 442 7.13 35.30 -9.24
C LYS A 442 8.30 35.79 -10.10
N ILE A 443 8.13 35.73 -11.43
CA ILE A 443 9.07 36.25 -12.46
C ILE A 443 8.29 37.33 -13.24
N ASN A 444 8.56 38.62 -13.02
CA ASN A 444 7.78 39.70 -13.68
C ASN A 444 8.23 39.78 -15.14
N LEU A 445 7.68 38.92 -15.99
CA LEU A 445 7.91 38.92 -17.46
C LEU A 445 7.07 40.03 -18.08
N PRO A 446 7.59 40.78 -19.08
CA PRO A 446 6.77 41.77 -19.78
C PRO A 446 5.46 41.11 -20.22
N LYS A 447 4.35 41.85 -20.12
CA LYS A 447 2.98 41.27 -20.22
C LYS A 447 2.78 40.54 -21.55
N ASP A 448 3.52 40.96 -22.61
CA ASP A 448 3.23 40.59 -24.02
C ASP A 448 4.17 39.49 -24.53
N VAL A 449 5.19 39.06 -23.77
CA VAL A 449 5.99 37.88 -24.20
C VAL A 449 5.18 36.62 -23.87
N ASP A 450 5.67 35.47 -24.35
CA ASP A 450 5.01 34.13 -24.27
C ASP A 450 5.41 33.51 -22.95
N VAL A 451 4.45 33.36 -22.02
CA VAL A 451 4.73 32.94 -20.61
C VAL A 451 5.50 31.62 -20.64
N LEU A 452 4.92 30.58 -21.24
CA LEU A 452 5.48 29.19 -21.27
C LEU A 452 6.83 29.22 -21.99
N GLN A 453 6.91 29.72 -23.24
CA GLN A 453 8.18 29.78 -24.03
C GLN A 453 9.31 30.33 -23.12
N LYS A 454 9.18 31.56 -22.63
CA LYS A 454 10.24 32.31 -21.89
C LYS A 454 10.51 31.66 -20.52
N MET A 455 9.52 31.00 -19.90
CA MET A 455 9.68 30.35 -18.57
C MET A 455 10.49 29.05 -18.70
N LYS A 456 10.25 28.24 -19.74
CA LYS A 456 10.99 26.99 -20.03
C LYS A 456 12.44 27.39 -20.33
N LEU A 457 12.61 28.49 -21.07
CA LEU A 457 13.93 29.13 -21.32
C LEU A 457 14.60 29.42 -19.96
N LEU A 458 14.02 30.32 -19.14
CA LEU A 458 14.62 30.74 -17.83
C LEU A 458 14.92 29.51 -16.95
N LEU A 459 14.08 28.48 -17.00
CA LEU A 459 14.31 27.22 -16.24
C LEU A 459 15.65 26.60 -16.69
N TRP A 460 15.83 26.46 -18.01
CA TRP A 460 17.13 26.04 -18.62
C TRP A 460 18.26 26.88 -18.02
N LYS A 461 18.05 28.20 -17.88
CA LYS A 461 19.09 29.14 -17.33
C LYS A 461 19.28 28.81 -15.85
N LEU A 462 18.19 28.59 -15.09
CA LEU A 462 18.22 28.15 -13.67
C LEU A 462 19.06 26.88 -13.54
N ILE A 463 19.05 26.00 -14.53
CA ILE A 463 19.69 24.66 -14.40
C ILE A 463 21.18 24.81 -14.73
N SER A 464 21.51 25.68 -15.68
CA SER A 464 22.90 26.02 -16.12
C SER A 464 23.66 26.77 -15.03
N TYR A 465 22.96 27.55 -14.21
CA TYR A 465 23.54 28.28 -13.05
C TYR A 465 23.51 27.40 -11.80
N GLY A 466 22.81 26.26 -11.83
CA GLY A 466 22.86 25.20 -10.79
C GLY A 466 21.85 25.40 -9.66
N ILE A 467 20.61 25.84 -9.97
CA ILE A 467 19.43 25.70 -9.06
C ILE A 467 18.32 24.92 -9.78
N LEU A 468 17.90 23.84 -9.15
CA LEU A 468 16.74 23.04 -9.56
C LEU A 468 15.51 23.54 -8.78
N VAL A 469 14.49 23.99 -9.52
CA VAL A 469 13.18 24.50 -9.01
C VAL A 469 12.09 23.81 -9.83
N VAL A 470 10.82 23.98 -9.48
CA VAL A 470 9.65 23.39 -10.22
C VAL A 470 8.85 24.50 -10.89
N PRO A 471 8.73 24.52 -12.24
CA PRO A 471 7.89 25.52 -12.90
C PRO A 471 6.41 25.24 -12.62
N GLY A 472 5.62 26.30 -12.40
CA GLY A 472 4.20 26.18 -12.04
C GLY A 472 3.43 25.47 -13.14
N TYR A 473 3.78 25.76 -14.39
CA TYR A 473 3.15 25.14 -15.58
C TYR A 473 3.29 23.61 -15.55
N ASN A 474 4.18 23.04 -14.73
CA ASN A 474 4.18 21.56 -14.52
C ASN A 474 3.15 21.14 -13.46
N MET A 475 2.34 22.04 -12.90
CA MET A 475 1.43 21.59 -11.82
C MET A 475 0.02 22.12 -12.07
N THR A 476 -0.42 22.12 -13.33
CA THR A 476 -1.75 22.62 -13.77
C THR A 476 -2.75 21.47 -13.96
N VAL A 477 -4.02 21.76 -13.76
CA VAL A 477 -5.13 20.90 -14.24
C VAL A 477 -5.19 21.02 -15.76
N ASP A 478 -5.18 22.27 -16.23
CA ASP A 478 -5.35 22.67 -17.64
C ASP A 478 -4.40 23.83 -17.91
N LEU A 479 -3.33 23.54 -18.66
CA LEU A 479 -2.15 24.41 -18.97
C LEU A 479 -2.60 25.68 -19.68
N GLU A 480 -3.45 25.54 -20.71
CA GLU A 480 -3.93 26.73 -21.47
C GLU A 480 -4.76 27.64 -20.55
N PHE A 481 -5.56 27.09 -19.65
CA PHE A 481 -6.46 27.87 -18.76
C PHE A 481 -5.61 28.72 -17.79
N SER A 482 -4.42 28.24 -17.42
CA SER A 482 -3.58 28.78 -16.32
C SER A 482 -2.27 29.37 -16.84
N LYS A 483 -2.10 29.48 -18.16
CA LYS A 483 -0.79 29.89 -18.75
C LYS A 483 -0.38 31.26 -18.16
N ASP A 484 -1.31 32.22 -18.08
CA ASP A 484 -0.99 33.65 -17.87
C ASP A 484 -0.49 33.86 -16.43
N ARG A 485 -0.80 32.91 -15.54
CA ARG A 485 -0.45 32.94 -14.09
C ARG A 485 0.68 31.95 -13.84
N SER A 486 1.28 31.39 -14.89
CA SER A 486 2.34 30.34 -14.83
C SER A 486 3.70 30.95 -14.59
N ASN A 487 3.80 32.28 -14.68
CA ASN A 487 5.04 33.08 -14.55
C ASN A 487 5.53 33.02 -13.09
N PHE A 488 5.87 31.82 -12.62
CA PHE A 488 6.35 31.56 -11.23
C PHE A 488 6.95 30.15 -11.16
N PHE A 489 8.01 30.00 -10.34
CA PHE A 489 8.59 28.71 -9.90
C PHE A 489 8.24 28.50 -8.43
N ARG A 490 8.05 27.24 -8.01
CA ARG A 490 7.90 26.80 -6.61
C ARG A 490 9.30 26.54 -6.04
N LEU A 491 9.68 27.23 -4.95
CA LEU A 491 10.95 26.95 -4.20
C LEU A 491 10.61 26.12 -2.97
N CYS A 492 11.47 25.18 -2.61
CA CYS A 492 11.35 24.31 -1.42
C CYS A 492 12.66 24.34 -0.65
N TYR A 493 12.56 24.68 0.63
CA TYR A 493 13.70 24.85 1.55
C TYR A 493 13.65 23.75 2.60
N ALA A 494 13.00 22.62 2.30
CA ALA A 494 12.94 21.44 3.19
C ALA A 494 14.17 20.56 2.98
N LEU A 495 14.72 20.55 1.76
CA LEU A 495 15.73 19.56 1.31
C LEU A 495 17.16 19.97 1.73
N ALA A 496 17.48 21.27 1.89
CA ALA A 496 18.86 21.76 2.14
C ALA A 496 19.42 21.18 3.45
N ASN A 497 20.72 20.89 3.44
CA ASN A 497 21.47 20.30 4.58
C ASN A 497 21.67 21.34 5.69
N ASN A 498 21.65 22.63 5.33
CA ASN A 498 22.07 23.72 6.24
C ASN A 498 21.69 25.07 5.64
N ASP A 499 21.80 26.13 6.45
CA ASP A 499 21.58 27.57 6.10
C ASP A 499 22.42 27.95 4.88
N GLU A 500 23.71 27.61 4.88
CA GLU A 500 24.67 27.95 3.79
C GLU A 500 24.06 27.54 2.43
N GLU A 501 23.39 26.38 2.37
CA GLU A 501 22.79 25.82 1.11
C GLU A 501 21.58 26.64 0.67
N ILE A 502 20.87 27.23 1.64
CA ILE A 502 19.70 28.11 1.37
C ILE A 502 20.20 29.39 0.71
N LEU A 503 21.16 30.08 1.34
CA LEU A 503 21.69 31.40 0.86
C LEU A 503 22.37 31.23 -0.51
N GLU A 504 23.15 30.17 -0.71
CA GLU A 504 23.77 29.93 -2.03
C GLU A 504 22.65 29.60 -3.05
N SER A 505 21.54 28.98 -2.62
CA SER A 505 20.40 28.54 -3.47
C SER A 505 19.66 29.76 -4.05
N GLY A 506 19.36 30.72 -3.19
CA GLY A 506 18.75 32.01 -3.57
C GLY A 506 19.70 32.89 -4.35
N LYS A 507 21.02 32.75 -4.14
CA LYS A 507 22.07 33.51 -4.87
C LYS A 507 22.03 33.07 -6.35
N ARG A 508 22.07 31.75 -6.60
CA ARG A 508 22.09 31.18 -7.98
C ARG A 508 20.76 31.52 -8.68
N LEU A 509 19.61 31.38 -7.98
CA LEU A 509 18.25 31.71 -8.48
C LEU A 509 18.21 33.17 -8.93
N THR A 510 18.71 34.11 -8.10
CA THR A 510 18.62 35.57 -8.37
C THR A 510 19.59 35.98 -9.49
N ASP A 511 20.85 35.48 -9.47
CA ASP A 511 21.91 35.70 -10.50
C ASP A 511 21.36 35.42 -11.90
N ALA A 512 20.66 34.28 -12.07
CA ALA A 512 20.17 33.78 -13.38
C ALA A 512 18.97 34.61 -13.86
N VAL A 513 18.00 34.86 -12.99
CA VAL A 513 16.83 35.69 -13.39
C VAL A 513 17.35 37.07 -13.79
N TYR A 514 18.38 37.58 -13.10
CA TYR A 514 19.03 38.86 -13.47
C TYR A 514 19.68 38.65 -14.85
N GLU A 515 20.64 37.73 -14.95
CA GLU A 515 21.36 37.44 -16.22
C GLU A 515 20.35 37.26 -17.36
N PHE A 516 19.33 36.39 -17.21
CA PHE A 516 18.31 36.09 -18.24
C PHE A 516 17.62 37.38 -18.65
N PHE A 517 17.33 38.23 -17.65
CA PHE A 517 16.66 39.55 -17.84
C PHE A 517 17.66 40.54 -18.47
N SER A 518 18.92 40.49 -18.05
CA SER A 518 20.04 41.30 -18.61
C SER A 518 20.33 40.89 -20.06
N ASN A 519 20.08 39.63 -20.41
CA ASN A 519 20.27 39.08 -21.78
C ASN A 519 19.07 39.43 -22.69
N GLY A 520 17.94 39.89 -22.13
CA GLY A 520 16.73 40.29 -22.88
C GLY A 520 15.68 39.19 -22.94
N LEU A 521 15.68 38.29 -21.94
CA LEU A 521 14.82 37.09 -21.84
C LEU A 521 15.21 36.10 -22.94
N GLU A 522 16.52 35.90 -23.13
CA GLU A 522 17.15 34.82 -23.94
C GLU A 522 18.28 34.21 -23.07
N PHE A 523 19.06 33.23 -23.59
CA PHE A 523 20.07 32.43 -22.83
C PHE A 523 21.47 33.08 -22.87
N HIS A 524 22.00 33.48 -24.03
CA HIS A 524 23.32 34.15 -24.26
C HIS A 524 24.45 33.29 -23.67
N SER B 2 10.10 -12.23 -28.53
CA SER B 2 8.94 -12.79 -27.78
C SER B 2 8.52 -11.83 -26.65
N ASP B 3 7.30 -11.30 -26.73
CA ASP B 3 6.77 -10.25 -25.82
C ASP B 3 5.27 -10.45 -25.60
N PRO B 4 4.73 -9.94 -24.48
CA PRO B 4 3.32 -10.13 -24.13
C PRO B 4 2.43 -8.87 -24.23
N THR B 5 2.92 -7.80 -24.87
CA THR B 5 2.14 -6.55 -25.13
C THR B 5 0.66 -6.88 -25.40
N HIS B 6 0.39 -7.94 -26.20
CA HIS B 6 -0.98 -8.32 -26.62
C HIS B 6 -1.83 -8.64 -25.37
N LEU B 7 -1.21 -9.27 -24.35
CA LEU B 7 -1.92 -9.76 -23.15
C LEU B 7 -2.28 -8.61 -22.19
N ILE B 8 -1.46 -7.55 -22.18
CA ILE B 8 -1.61 -6.34 -21.31
C ILE B 8 -2.90 -5.58 -21.63
N SER B 9 -3.66 -5.20 -20.60
CA SER B 9 -5.00 -4.55 -20.73
C SER B 9 -4.91 -3.18 -21.42
N LYS B 10 -5.95 -2.85 -22.22
CA LYS B 10 -6.32 -1.49 -22.65
C LYS B 10 -6.18 -0.54 -21.47
N ARG B 11 -6.82 -0.86 -20.33
CA ARG B 11 -6.86 0.01 -19.12
C ARG B 11 -5.43 0.28 -18.64
N ALA B 12 -4.60 -0.77 -18.55
CA ALA B 12 -3.25 -0.68 -17.95
C ALA B 12 -2.24 -0.15 -18.96
N ALA B 13 -2.36 -0.52 -20.24
CA ALA B 13 -1.54 -0.01 -21.37
C ALA B 13 -1.65 1.52 -21.48
N GLY B 14 -2.87 2.06 -21.35
CA GLY B 14 -3.20 3.46 -21.63
C GLY B 14 -2.90 4.45 -20.50
N ARG B 15 -2.37 4.01 -19.37
CA ARG B 15 -1.93 4.95 -18.31
C ARG B 15 -0.55 5.50 -18.70
N THR B 16 -0.30 6.75 -18.34
CA THR B 16 0.82 7.57 -18.87
C THR B 16 2.06 7.40 -17.95
N SER B 17 3.25 7.72 -18.48
CA SER B 17 4.56 7.67 -17.77
C SER B 17 4.73 8.93 -16.89
N VAL B 18 5.17 8.75 -15.63
CA VAL B 18 5.49 9.85 -14.65
C VAL B 18 5.53 11.20 -15.36
N SER B 25 12.65 19.31 -20.92
CA SER B 25 11.59 18.46 -21.54
C SER B 25 11.66 18.51 -23.08
N ASP B 26 12.74 19.05 -23.66
CA ASP B 26 12.92 19.16 -25.14
C ASP B 26 14.41 19.34 -25.47
N LYS B 27 14.70 19.86 -26.67
CA LYS B 27 16.06 20.34 -27.04
C LYS B 27 16.36 21.54 -26.15
N PRO B 28 17.48 21.53 -25.39
CA PRO B 28 17.93 22.70 -24.66
C PRO B 28 18.48 23.77 -25.61
N PRO B 29 18.63 25.04 -25.16
CA PRO B 29 19.19 26.09 -26.01
C PRO B 29 20.65 25.77 -26.40
N ALA B 30 21.09 26.33 -27.52
CA ALA B 30 22.38 26.03 -28.20
C ALA B 30 23.58 26.08 -27.23
N ASN B 31 23.61 27.06 -26.31
CA ASN B 31 24.83 27.38 -25.51
C ASN B 31 24.63 26.97 -24.05
N PHE B 32 24.17 25.74 -23.83
CA PHE B 32 23.77 25.24 -22.49
C PHE B 32 24.65 24.02 -22.13
N LYS B 33 25.21 24.04 -20.92
CA LYS B 33 25.83 22.89 -20.25
C LYS B 33 25.30 22.86 -18.82
N PRO B 34 24.95 21.67 -18.28
CA PRO B 34 24.52 21.57 -16.89
C PRO B 34 25.66 22.00 -15.96
N HIS B 35 25.29 22.58 -14.82
CA HIS B 35 26.21 22.90 -13.70
C HIS B 35 26.50 21.58 -13.00
N GLU B 36 27.73 21.36 -12.51
CA GLU B 36 28.29 20.01 -12.25
C GLU B 36 28.05 19.58 -10.79
N LYS B 37 27.83 20.50 -9.86
CA LYS B 37 27.22 20.14 -8.55
C LYS B 37 26.20 21.19 -8.15
N PRO B 38 24.92 20.97 -8.54
CA PRO B 38 23.84 21.90 -8.25
C PRO B 38 23.16 21.64 -6.90
N LEU B 39 22.31 22.57 -6.47
CA LEU B 39 21.50 22.54 -5.23
C LEU B 39 20.02 22.48 -5.60
N ALA B 40 19.20 21.84 -4.78
CA ALA B 40 17.78 21.56 -5.10
C ALA B 40 16.88 22.52 -4.31
N LEU B 41 16.00 23.25 -4.99
CA LEU B 41 14.83 23.95 -4.39
C LEU B 41 13.55 23.29 -4.91
N SER B 42 13.69 22.12 -5.54
CA SER B 42 12.63 21.41 -6.31
C SER B 42 11.76 20.60 -5.36
N TYR B 43 12.11 19.33 -5.11
CA TYR B 43 11.20 18.30 -4.55
C TYR B 43 10.85 18.57 -3.09
N GLY B 44 9.60 18.23 -2.71
CA GLY B 44 9.00 18.40 -1.37
C GLY B 44 9.37 17.27 -0.45
N MET B 45 10.66 17.19 -0.12
CA MET B 45 11.34 16.11 0.66
C MET B 45 11.98 16.71 1.90
N PRO B 46 11.52 16.38 3.13
CA PRO B 46 12.30 16.72 4.31
C PRO B 46 13.72 16.12 4.24
N ASN B 47 14.75 16.97 4.31
CA ASN B 47 16.15 16.52 4.47
C ASN B 47 16.25 15.51 5.63
N HIS B 48 17.06 14.46 5.50
CA HIS B 48 17.17 13.36 6.51
C HIS B 48 17.38 13.89 7.94
N GLY B 49 17.97 15.08 8.13
CA GLY B 49 18.18 15.69 9.46
C GLY B 49 16.87 15.90 10.21
N PHE B 50 15.74 15.92 9.49
CA PHE B 50 14.37 16.14 10.04
C PHE B 50 13.82 14.85 10.65
N PHE B 51 14.30 13.68 10.20
CA PHE B 51 13.80 12.35 10.62
C PHE B 51 14.07 12.14 12.10
N PRO B 52 13.10 11.64 12.88
CA PRO B 52 13.33 11.36 14.29
C PRO B 52 14.19 10.14 14.57
N ILE B 53 14.34 9.22 13.62
CA ILE B 53 15.07 7.93 13.81
C ILE B 53 16.48 8.14 13.27
N ASP B 54 17.52 7.84 14.07
CA ASP B 54 18.97 7.96 13.73
C ASP B 54 19.54 6.60 13.34
N SER B 55 19.11 5.55 14.05
CA SER B 55 19.55 4.15 13.84
C SER B 55 18.49 3.20 14.42
N ILE B 56 18.47 1.97 13.90
CA ILE B 56 17.56 0.87 14.36
C ILE B 56 18.41 -0.39 14.53
N ASP B 57 18.29 -1.05 15.68
CA ASP B 57 18.94 -2.36 15.98
C ASP B 57 17.82 -3.41 15.86
N VAL B 58 17.97 -4.35 14.94
CA VAL B 58 16.96 -5.44 14.72
C VAL B 58 17.55 -6.68 15.35
N ASN B 59 16.89 -7.16 16.41
CA ASN B 59 17.33 -8.32 17.24
C ASN B 59 16.58 -9.60 16.77
N LEU B 60 17.31 -10.62 16.29
CA LEU B 60 16.76 -11.75 15.49
C LEU B 60 16.77 -13.07 16.25
N VAL B 61 16.43 -14.15 15.56
CA VAL B 61 16.56 -15.53 16.11
C VAL B 61 17.32 -16.34 15.07
N ASP B 62 17.96 -17.42 15.56
CA ASP B 62 18.84 -18.33 14.79
C ASP B 62 17.98 -19.45 14.23
N TYR B 63 16.72 -19.56 14.71
CA TYR B 63 15.79 -20.66 14.38
C TYR B 63 14.43 -20.34 15.00
N PRO B 64 13.32 -20.78 14.35
CA PRO B 64 11.96 -20.60 14.89
C PRO B 64 11.75 -21.14 16.30
N PHE B 65 10.94 -20.46 17.10
CA PHE B 65 10.46 -20.89 18.45
C PHE B 65 11.57 -20.82 19.51
N GLN B 66 12.76 -20.29 19.19
CA GLN B 66 13.85 -20.10 20.17
C GLN B 66 13.44 -18.99 21.15
N LYS B 67 13.66 -19.21 22.45
CA LYS B 67 13.30 -18.28 23.56
C LYS B 67 14.59 -17.61 24.08
N ILE B 68 14.50 -16.34 24.51
CA ILE B 68 15.61 -15.51 25.09
C ILE B 68 15.30 -15.24 26.57
N THR B 105 26.15 -18.60 23.28
CA THR B 105 26.04 -17.86 21.99
C THR B 105 25.16 -16.63 22.17
N PRO B 106 25.64 -15.40 21.82
CA PRO B 106 24.85 -14.16 21.96
C PRO B 106 23.90 -13.79 20.80
N GLN B 107 22.88 -12.95 21.07
CA GLN B 107 21.82 -12.60 20.08
C GLN B 107 22.42 -11.97 18.80
N SER B 108 22.07 -12.49 17.63
CA SER B 108 22.38 -11.88 16.30
C SER B 108 21.70 -10.50 16.21
N THR B 109 22.40 -9.48 15.70
CA THR B 109 21.85 -8.11 15.58
C THR B 109 22.30 -7.51 14.26
N VAL B 110 21.36 -6.86 13.58
CA VAL B 110 21.68 -5.98 12.42
C VAL B 110 21.50 -4.54 12.88
N HIS B 111 22.55 -3.74 12.75
CA HIS B 111 22.52 -2.28 12.96
C HIS B 111 22.20 -1.62 11.61
N ILE B 112 21.21 -0.74 11.64
CA ILE B 112 20.80 0.10 10.49
C ILE B 112 21.20 1.51 10.91
N SER B 113 22.21 2.08 10.25
CA SER B 113 22.82 3.40 10.55
C SER B 113 22.24 4.44 9.57
N ARG B 114 22.33 5.73 9.92
CA ARG B 114 21.84 6.81 9.03
C ARG B 114 22.46 6.62 7.64
N HIS B 115 23.78 6.36 7.57
CA HIS B 115 24.58 6.29 6.31
C HIS B 115 25.25 4.92 6.17
N THR B 116 25.40 4.48 4.92
CA THR B 116 26.03 3.20 4.49
C THR B 116 26.65 3.38 3.12
N THR B 117 27.79 2.73 2.87
CA THR B 117 28.52 2.74 1.57
C THR B 117 28.30 1.39 0.87
N ASP B 118 27.95 0.35 1.64
CA ASP B 118 27.62 -1.01 1.13
C ASP B 118 26.54 -0.91 0.06
N PRO B 119 26.78 -1.30 -1.21
CA PRO B 119 25.75 -1.22 -2.25
C PRO B 119 24.64 -2.27 -2.12
N LYS B 120 24.73 -3.15 -1.10
CA LYS B 120 23.78 -4.26 -0.84
C LYS B 120 22.88 -3.94 0.36
N LEU B 121 23.08 -2.79 1.03
CA LEU B 121 22.31 -2.35 2.24
C LEU B 121 21.55 -1.04 1.98
N ILE B 122 20.46 -0.83 2.71
CA ILE B 122 19.67 0.43 2.66
C ILE B 122 19.90 1.18 3.97
N ASP B 123 20.39 2.43 3.91
CA ASP B 123 20.63 3.26 5.10
C ASP B 123 19.29 3.91 5.47
N LEU B 124 19.20 4.52 6.65
CA LEU B 124 17.97 5.25 7.09
C LEU B 124 17.83 6.55 6.30
N ALA B 125 18.93 7.10 5.77
CA ALA B 125 18.93 8.38 5.02
C ALA B 125 18.14 8.22 3.71
N ARG B 126 18.19 7.04 3.10
CA ARG B 126 17.41 6.78 1.87
C ARG B 126 16.14 6.02 2.28
N GLY B 127 16.25 5.10 3.24
CA GLY B 127 15.14 4.20 3.65
C GLY B 127 13.90 4.95 4.15
N LEU B 128 14.11 6.06 4.89
CA LEU B 128 13.03 6.90 5.45
C LEU B 128 12.76 8.10 4.51
N GLN B 129 13.43 8.16 3.35
CA GLN B 129 13.21 9.19 2.30
C GLN B 129 12.38 8.60 1.12
N TYR B 130 11.78 9.50 0.34
CA TYR B 130 11.10 9.19 -0.94
C TYR B 130 11.97 8.24 -1.77
N ALA B 131 11.35 7.23 -2.38
CA ALA B 131 12.04 6.20 -3.19
C ALA B 131 11.26 5.91 -4.47
N ALA B 132 11.99 5.44 -5.49
CA ALA B 132 11.39 4.87 -6.73
C ALA B 132 10.27 3.94 -6.28
N VAL B 133 9.09 4.08 -6.87
CA VAL B 133 7.86 3.34 -6.45
C VAL B 133 8.14 1.82 -6.57
N GLU B 134 8.87 1.39 -7.60
CA GLU B 134 9.11 -0.04 -7.92
C GLU B 134 9.94 -0.69 -6.80
N GLY B 135 10.59 0.10 -5.94
CA GLY B 135 11.31 -0.42 -4.76
C GLY B 135 12.71 0.15 -4.64
N HIS B 136 13.35 -0.08 -3.49
CA HIS B 136 14.79 0.20 -3.23
C HIS B 136 15.65 -0.81 -4.00
N ALA B 137 16.82 -0.39 -4.45
CA ALA B 137 17.64 -1.15 -5.41
C ALA B 137 18.17 -2.41 -4.73
N PRO B 138 18.72 -2.34 -3.50
CA PRO B 138 19.21 -3.56 -2.86
C PRO B 138 18.16 -4.68 -2.70
N LEU B 139 16.89 -4.35 -2.40
CA LEU B 139 15.85 -5.40 -2.21
C LEU B 139 15.38 -5.91 -3.58
N LEU B 140 15.27 -5.02 -4.58
CA LEU B 140 14.96 -5.45 -5.98
C LEU B 140 16.02 -6.44 -6.45
N GLN B 141 17.29 -6.22 -6.07
CA GLN B 141 18.43 -7.07 -6.51
C GLN B 141 18.37 -8.41 -5.76
N PHE B 142 18.26 -8.41 -4.42
CA PHE B 142 18.06 -9.64 -3.63
C PHE B 142 16.97 -10.53 -4.25
N ALA B 143 15.90 -9.96 -4.81
CA ALA B 143 14.80 -10.73 -5.42
C ALA B 143 15.18 -11.21 -6.83
N ARG B 144 15.90 -10.42 -7.64
CA ARG B 144 16.37 -10.87 -9.00
C ARG B 144 17.25 -12.12 -8.78
N ASP B 145 18.10 -12.09 -7.76
CA ASP B 145 19.07 -13.18 -7.48
C ASP B 145 18.29 -14.39 -6.94
N PHE B 146 17.36 -14.15 -5.99
CA PHE B 146 16.57 -15.20 -5.30
C PHE B 146 15.88 -16.05 -6.36
N ILE B 147 15.32 -15.37 -7.37
CA ILE B 147 14.54 -15.98 -8.49
C ILE B 147 15.48 -16.58 -9.55
N ILE B 148 16.63 -15.99 -9.77
CA ILE B 148 17.71 -16.62 -10.58
C ILE B 148 18.07 -17.95 -9.89
N ARG B 149 18.16 -17.97 -8.56
CA ARG B 149 18.60 -19.17 -7.80
C ARG B 149 17.50 -20.23 -7.80
N THR B 150 16.22 -19.87 -7.66
CA THR B 150 15.12 -20.79 -7.25
C THR B 150 14.17 -21.09 -8.41
N HIS B 151 13.92 -20.14 -9.33
CA HIS B 151 12.92 -20.29 -10.43
C HIS B 151 13.33 -19.40 -11.62
N LYS B 152 14.52 -19.63 -12.18
CA LYS B 152 15.05 -18.84 -13.32
C LYS B 152 14.02 -18.86 -14.45
N PRO B 153 13.55 -17.67 -14.89
CA PRO B 153 12.73 -17.61 -16.09
C PRO B 153 13.50 -18.11 -17.32
N ASN B 154 12.83 -18.82 -18.23
CA ASN B 154 13.40 -19.34 -19.51
C ASN B 154 13.46 -18.24 -20.59
N TYR B 155 13.70 -16.98 -20.22
CA TYR B 155 13.91 -15.83 -21.15
C TYR B 155 14.58 -14.70 -20.36
N ASP B 156 15.03 -13.66 -21.07
CA ASP B 156 16.09 -12.72 -20.61
C ASP B 156 15.46 -11.41 -20.10
N ASP B 157 14.42 -10.95 -20.79
CA ASP B 157 13.84 -9.61 -20.60
C ASP B 157 12.76 -9.69 -19.51
N TRP B 158 13.12 -10.18 -18.31
CA TRP B 158 12.23 -10.21 -17.12
C TRP B 158 12.72 -9.21 -16.08
N ASN B 159 11.82 -8.80 -15.20
CA ASN B 159 12.14 -7.88 -14.09
C ASN B 159 11.20 -8.12 -12.93
N VAL B 160 11.62 -7.69 -11.74
CA VAL B 160 10.81 -7.78 -10.49
C VAL B 160 10.32 -6.38 -10.15
N PHE B 161 9.49 -6.27 -9.10
CA PHE B 161 8.75 -5.07 -8.63
C PHE B 161 8.22 -5.30 -7.21
N ILE B 162 8.71 -4.53 -6.25
CA ILE B 162 8.30 -4.70 -4.83
C ILE B 162 6.84 -4.31 -4.73
N THR B 163 6.10 -5.09 -3.93
CA THR B 163 4.64 -4.98 -3.70
C THR B 163 4.42 -4.88 -2.19
N THR B 164 3.17 -4.71 -1.74
CA THR B 164 2.81 -4.73 -0.30
C THR B 164 2.31 -6.12 0.11
N GLY B 165 2.52 -7.16 -0.72
CA GLY B 165 2.22 -8.58 -0.40
C GLY B 165 1.62 -9.33 -1.59
N ALA B 166 1.12 -10.54 -1.38
CA ALA B 166 0.57 -11.38 -2.48
C ALA B 166 -0.72 -10.73 -2.99
N SER B 167 -1.71 -10.54 -2.12
CA SER B 167 -2.99 -9.85 -2.45
C SER B 167 -2.73 -8.56 -3.26
N ASP B 168 -1.78 -7.72 -2.84
CA ASP B 168 -1.34 -6.53 -3.61
C ASP B 168 -0.91 -7.02 -4.99
N GLY B 169 0.01 -7.99 -5.02
CA GLY B 169 0.55 -8.59 -6.26
C GLY B 169 -0.52 -9.16 -7.16
N LEU B 170 -1.55 -9.80 -6.60
CA LEU B 170 -2.65 -10.40 -7.40
C LEU B 170 -3.47 -9.29 -8.04
N ASN B 171 -3.86 -8.29 -7.25
CA ASN B 171 -4.60 -7.10 -7.74
C ASN B 171 -3.84 -6.41 -8.87
N LYS B 172 -2.51 -6.27 -8.73
CA LYS B 172 -1.65 -5.75 -9.83
C LYS B 172 -1.78 -6.67 -11.05
N ALA B 173 -1.63 -7.98 -10.87
CA ALA B 173 -1.68 -8.99 -11.96
C ALA B 173 -3.04 -8.91 -12.68
N ALA B 174 -4.14 -8.91 -11.93
CA ALA B 174 -5.53 -8.72 -12.40
C ALA B 174 -5.68 -7.43 -13.24
N ASP B 175 -5.28 -6.27 -12.69
CA ASP B 175 -5.28 -4.97 -13.41
C ASP B 175 -4.45 -5.06 -14.70
N VAL B 176 -3.27 -5.66 -14.64
CA VAL B 176 -2.33 -5.67 -15.80
C VAL B 176 -2.82 -6.62 -16.91
N PHE B 177 -3.70 -7.59 -16.64
CA PHE B 177 -4.14 -8.59 -17.65
C PHE B 177 -5.66 -8.57 -17.95
N LEU B 178 -6.53 -7.97 -17.14
CA LEU B 178 -7.98 -8.09 -17.40
C LEU B 178 -8.57 -6.72 -17.73
N ASP B 179 -9.27 -6.61 -18.86
CA ASP B 179 -10.13 -5.45 -19.14
C ASP B 179 -11.54 -5.78 -18.68
N ASP B 180 -12.39 -4.77 -18.61
CA ASP B 180 -13.84 -4.91 -18.28
C ASP B 180 -14.42 -5.92 -19.29
N GLY B 181 -15.12 -6.96 -18.82
CA GLY B 181 -15.77 -7.94 -19.69
C GLY B 181 -14.92 -9.17 -19.96
N ASP B 182 -13.63 -9.16 -19.65
CA ASP B 182 -12.77 -10.37 -19.81
C ASP B 182 -13.19 -11.47 -18.82
N VAL B 183 -12.86 -12.71 -19.15
CA VAL B 183 -13.06 -13.86 -18.25
C VAL B 183 -11.68 -14.25 -17.71
N ILE B 184 -11.55 -14.39 -16.40
CA ILE B 184 -10.36 -15.07 -15.81
C ILE B 184 -10.79 -16.48 -15.37
N LEU B 185 -9.93 -17.45 -15.67
CA LEU B 185 -10.11 -18.86 -15.28
C LEU B 185 -9.59 -18.99 -13.85
N VAL B 186 -10.47 -19.38 -12.92
CA VAL B 186 -10.09 -19.47 -11.48
C VAL B 186 -10.37 -20.89 -10.98
N GLU B 187 -9.40 -21.49 -10.27
CA GLU B 187 -9.56 -22.81 -9.58
C GLU B 187 -10.81 -22.70 -8.71
N GLU B 188 -11.69 -23.72 -8.77
CA GLU B 188 -13.08 -23.66 -8.24
C GLU B 188 -13.07 -23.44 -6.74
N PHE B 189 -12.13 -24.07 -6.00
CA PHE B 189 -11.81 -23.69 -4.59
C PHE B 189 -10.54 -22.87 -4.70
N THR B 190 -10.57 -21.63 -4.22
CA THR B 190 -9.47 -20.66 -4.42
C THR B 190 -9.23 -19.80 -3.17
N PHE B 191 -8.19 -18.97 -3.23
CA PHE B 191 -7.95 -17.85 -2.31
C PHE B 191 -8.97 -16.75 -2.63
N SER B 192 -10.09 -16.74 -1.88
CA SER B 192 -11.32 -15.93 -2.08
C SER B 192 -11.05 -14.46 -2.44
N PRO B 193 -10.15 -13.74 -1.72
CA PRO B 193 -9.92 -12.33 -2.02
C PRO B 193 -9.64 -12.04 -3.50
N PHE B 194 -8.97 -12.96 -4.22
CA PHE B 194 -8.61 -12.73 -5.64
C PHE B 194 -9.81 -12.22 -6.46
N LEU B 195 -11.02 -12.72 -6.17
CA LEU B 195 -12.28 -12.38 -6.88
C LEU B 195 -12.63 -10.90 -6.70
N ARG B 196 -12.19 -10.25 -5.63
CA ARG B 196 -12.38 -8.78 -5.46
C ARG B 196 -11.49 -8.01 -6.43
N PHE B 197 -10.34 -8.56 -6.80
CA PHE B 197 -9.37 -7.90 -7.71
C PHE B 197 -9.75 -8.15 -9.16
N SER B 198 -10.17 -9.37 -9.48
CA SER B 198 -10.72 -9.68 -10.82
C SER B 198 -11.99 -8.84 -11.01
N ASP B 199 -12.87 -8.82 -10.00
CA ASP B 199 -14.17 -8.09 -10.05
C ASP B 199 -13.92 -6.57 -10.20
N ASN B 200 -12.91 -6.03 -9.53
CA ASN B 200 -12.47 -4.62 -9.69
C ASN B 200 -12.01 -4.36 -11.13
N ALA B 201 -11.29 -5.28 -11.76
CA ALA B 201 -10.78 -5.11 -13.15
C ALA B 201 -11.94 -5.32 -14.14
N GLY B 202 -13.13 -5.67 -13.64
CA GLY B 202 -14.36 -5.88 -14.41
C GLY B 202 -14.48 -7.25 -15.08
N ALA B 203 -13.64 -8.25 -14.71
CA ALA B 203 -13.58 -9.58 -15.35
C ALA B 203 -14.63 -10.54 -14.75
N LYS B 204 -14.88 -11.69 -15.39
CA LYS B 204 -15.75 -12.76 -14.83
C LYS B 204 -14.88 -13.96 -14.52
N ALA B 205 -14.94 -14.45 -13.29
CA ALA B 205 -14.30 -15.70 -12.83
C ALA B 205 -15.18 -16.85 -13.32
N VAL B 206 -14.67 -17.53 -14.34
CA VAL B 206 -15.12 -18.91 -14.71
C VAL B 206 -14.34 -19.90 -13.86
N PRO B 207 -15.04 -20.79 -13.14
CA PRO B 207 -14.41 -21.83 -12.31
C PRO B 207 -13.88 -23.07 -13.06
N VAL B 208 -12.76 -23.64 -12.60
CA VAL B 208 -12.04 -24.78 -13.22
C VAL B 208 -11.95 -25.91 -12.19
N LYS B 209 -12.57 -27.07 -12.47
CA LYS B 209 -12.81 -28.13 -11.45
C LYS B 209 -11.45 -28.62 -10.93
N ILE B 210 -11.42 -28.86 -9.62
CA ILE B 210 -10.29 -29.54 -8.94
C ILE B 210 -10.62 -31.02 -8.86
N ASN B 211 -9.63 -31.86 -9.14
CA ASN B 211 -9.66 -33.33 -8.94
C ASN B 211 -9.31 -33.58 -7.47
N PHE B 212 -10.16 -34.28 -6.72
CA PHE B 212 -9.96 -34.53 -5.26
C PHE B 212 -9.38 -35.93 -4.98
N ASP B 213 -8.88 -36.66 -6.00
CA ASP B 213 -8.13 -37.95 -5.81
C ASP B 213 -6.88 -37.69 -4.93
N ASN B 214 -6.34 -38.70 -4.23
CA ASN B 214 -5.17 -38.52 -3.33
C ASN B 214 -3.92 -38.13 -4.13
N ASP B 215 -3.88 -38.43 -5.45
CA ASP B 215 -2.72 -38.15 -6.35
C ASP B 215 -3.00 -36.95 -7.26
N SER B 216 -4.09 -36.22 -7.04
CA SER B 216 -4.48 -35.06 -7.89
C SER B 216 -3.31 -34.10 -7.98
N ASP B 217 -3.01 -33.63 -9.20
CA ASP B 217 -2.21 -32.41 -9.48
C ASP B 217 -2.93 -31.16 -8.94
N GLY B 218 -4.24 -31.22 -8.72
CA GLY B 218 -5.15 -30.10 -8.38
C GLY B 218 -6.21 -29.96 -9.46
N ILE B 219 -6.15 -28.90 -10.27
CA ILE B 219 -6.93 -28.72 -11.54
C ILE B 219 -7.07 -30.10 -12.23
N ASP B 220 -8.31 -30.49 -12.52
CA ASP B 220 -8.59 -31.72 -13.30
C ASP B 220 -8.24 -31.42 -14.76
N LEU B 221 -7.19 -32.02 -15.30
CA LEU B 221 -6.69 -31.58 -16.63
C LEU B 221 -7.75 -31.92 -17.68
N THR B 222 -8.42 -33.06 -17.54
CA THR B 222 -9.40 -33.54 -18.54
C THR B 222 -10.58 -32.55 -18.59
N GLN B 223 -11.21 -32.21 -17.46
CA GLN B 223 -12.36 -31.27 -17.42
C GLN B 223 -11.87 -29.85 -17.78
N PHE B 224 -10.56 -29.56 -17.66
CA PHE B 224 -9.94 -28.26 -18.06
C PHE B 224 -9.75 -28.22 -19.58
N VAL B 225 -9.22 -29.29 -20.19
CA VAL B 225 -9.10 -29.39 -21.67
C VAL B 225 -10.50 -29.27 -22.32
N ASP B 226 -11.53 -29.92 -21.73
CA ASP B 226 -12.92 -29.95 -22.26
C ASP B 226 -13.42 -28.50 -22.33
N LEU B 227 -13.30 -27.78 -21.20
CA LEU B 227 -13.79 -26.38 -21.04
C LEU B 227 -13.25 -25.54 -22.21
N LEU B 228 -11.97 -25.69 -22.53
CA LEU B 228 -11.27 -24.88 -23.56
C LEU B 228 -11.68 -25.32 -24.97
N GLU B 229 -11.44 -26.59 -25.31
CA GLU B 229 -11.94 -27.23 -26.55
C GLU B 229 -13.42 -26.88 -26.82
N ASN B 230 -14.29 -26.82 -25.79
CA ASN B 230 -15.76 -26.69 -25.96
C ASN B 230 -16.30 -25.41 -25.29
N TRP B 231 -15.50 -24.34 -25.24
CA TRP B 231 -15.87 -23.07 -24.55
C TRP B 231 -17.30 -22.66 -24.92
N GLU B 232 -17.59 -22.55 -26.22
CA GLU B 232 -18.90 -22.07 -26.76
C GLU B 232 -20.03 -22.90 -26.13
N LYS B 233 -19.80 -24.19 -25.87
CA LYS B 233 -20.80 -25.17 -25.38
C LYS B 233 -21.09 -24.86 -23.91
N HIS B 234 -20.06 -24.60 -23.08
CA HIS B 234 -20.16 -24.36 -21.61
C HIS B 234 -20.61 -22.92 -21.29
N TYR B 235 -19.94 -21.93 -21.90
CA TYR B 235 -20.19 -20.48 -21.70
C TYR B 235 -20.46 -19.81 -23.05
N PRO B 236 -21.67 -19.98 -23.64
CA PRO B 236 -21.98 -19.43 -24.96
C PRO B 236 -22.02 -17.88 -24.99
N ASN B 237 -22.21 -17.23 -23.84
CA ASN B 237 -22.45 -15.77 -23.75
C ASN B 237 -21.27 -15.06 -23.06
N LEU B 238 -20.05 -15.63 -23.15
CA LEU B 238 -18.82 -15.05 -22.53
C LEU B 238 -17.63 -15.12 -23.51
N PRO B 239 -16.76 -14.08 -23.57
CA PRO B 239 -15.56 -14.17 -24.40
C PRO B 239 -14.62 -15.31 -23.95
N LYS B 240 -13.66 -15.69 -24.81
CA LYS B 240 -12.68 -16.77 -24.55
C LYS B 240 -11.84 -16.29 -23.38
N PRO B 241 -11.26 -17.18 -22.54
CA PRO B 241 -10.67 -16.72 -21.29
C PRO B 241 -9.40 -15.92 -21.62
N LYS B 242 -9.07 -14.95 -20.76
CA LYS B 242 -7.93 -14.02 -20.93
C LYS B 242 -6.74 -14.56 -20.13
N ALA B 243 -7.02 -15.24 -19.02
CA ALA B 243 -5.99 -15.63 -18.03
C ALA B 243 -6.44 -16.81 -17.18
N LEU B 244 -5.45 -17.43 -16.55
CA LEU B 244 -5.62 -18.51 -15.56
C LEU B 244 -4.94 -18.04 -14.27
N TYR B 245 -5.72 -17.87 -13.21
CA TYR B 245 -5.24 -17.70 -11.81
C TYR B 245 -5.08 -19.09 -11.19
N THR B 246 -3.83 -19.51 -10.98
CA THR B 246 -3.51 -20.84 -10.40
C THR B 246 -2.50 -20.71 -9.24
N ILE B 247 -2.80 -21.43 -8.16
CA ILE B 247 -1.92 -21.64 -6.98
C ILE B 247 -1.32 -23.06 -7.15
N ALA B 248 -0.42 -23.21 -8.11
CA ALA B 248 0.05 -24.52 -8.61
C ALA B 248 0.61 -25.37 -7.46
N THR B 249 1.25 -24.74 -6.47
CA THR B 249 1.96 -25.42 -5.38
C THR B 249 1.34 -25.07 -4.04
N GLY B 250 0.95 -26.06 -3.24
CA GLY B 250 0.28 -25.84 -1.94
C GLY B 250 -1.06 -25.14 -2.13
N GLN B 251 -1.73 -25.38 -3.28
CA GLN B 251 -3.06 -24.85 -3.70
C GLN B 251 -3.89 -24.47 -2.46
N ASN B 252 -4.41 -23.25 -2.43
CA ASN B 252 -5.30 -22.78 -1.35
C ASN B 252 -6.74 -22.95 -1.84
N PRO B 253 -7.55 -23.85 -1.23
CA PRO B 253 -7.14 -24.58 -0.03
C PRO B 253 -6.86 -26.08 -0.12
N THR B 254 -6.96 -26.66 -1.31
CA THR B 254 -6.90 -28.13 -1.52
C THR B 254 -5.65 -28.82 -0.98
N GLY B 255 -4.50 -28.15 -1.05
CA GLY B 255 -3.20 -28.71 -0.62
C GLY B 255 -2.31 -29.13 -1.79
N PHE B 256 -2.93 -29.44 -2.94
CA PHE B 256 -2.26 -30.12 -4.06
C PHE B 256 -1.20 -29.21 -4.67
N THR B 257 -0.24 -29.88 -5.31
CA THR B 257 0.90 -29.32 -6.08
C THR B 257 0.87 -29.90 -7.50
N GLN B 258 0.96 -29.07 -8.54
CA GLN B 258 1.04 -29.48 -9.97
C GLN B 258 2.49 -29.90 -10.27
N SER B 259 2.67 -31.11 -10.84
CA SER B 259 3.97 -31.72 -11.22
C SER B 259 4.55 -30.98 -12.43
N LEU B 260 5.83 -31.21 -12.72
CA LEU B 260 6.57 -30.50 -13.80
C LEU B 260 5.95 -30.82 -15.16
N GLU B 261 5.31 -32.00 -15.28
CA GLU B 261 4.72 -32.52 -16.55
C GLU B 261 3.31 -31.92 -16.76
N PHE B 262 2.49 -31.85 -15.70
CA PHE B 262 1.17 -31.13 -15.62
C PHE B 262 1.33 -29.65 -16.05
N ARG B 263 2.34 -28.93 -15.52
CA ARG B 263 2.61 -27.51 -15.84
C ARG B 263 2.92 -27.38 -17.34
N LYS B 264 3.80 -28.23 -17.87
CA LYS B 264 4.11 -28.23 -19.32
C LYS B 264 2.78 -28.20 -20.09
N LYS B 265 1.86 -29.09 -19.72
CA LYS B 265 0.53 -29.25 -20.38
C LYS B 265 -0.29 -27.97 -20.25
N ILE B 266 -0.41 -27.43 -19.03
CA ILE B 266 -1.18 -26.18 -18.75
C ILE B 266 -0.55 -25.03 -19.54
N TYR B 267 0.77 -24.89 -19.53
CA TYR B 267 1.52 -23.85 -20.31
C TYR B 267 1.15 -23.96 -21.78
N ASP B 268 1.23 -25.17 -22.34
CA ASP B 268 0.87 -25.44 -23.76
C ASP B 268 -0.60 -25.07 -24.01
N LEU B 269 -1.49 -25.22 -23.03
CA LEU B 269 -2.90 -24.74 -23.17
C LEU B 269 -2.91 -23.19 -23.14
N ALA B 270 -2.06 -22.59 -22.30
CA ALA B 270 -1.84 -21.13 -22.26
C ALA B 270 -1.40 -20.61 -23.65
N VAL B 271 -0.41 -21.23 -24.31
CA VAL B 271 0.10 -20.80 -25.67
C VAL B 271 -0.96 -21.08 -26.75
N LYS B 272 -1.58 -22.26 -26.78
CA LYS B 272 -2.56 -22.68 -27.83
C LYS B 272 -3.77 -21.73 -27.85
N TYR B 273 -4.43 -21.54 -26.70
CA TYR B 273 -5.66 -20.70 -26.56
C TYR B 273 -5.27 -19.28 -26.12
N ASP B 274 -3.96 -19.03 -25.99
CA ASP B 274 -3.36 -17.67 -25.84
C ASP B 274 -4.02 -16.98 -24.64
N PHE B 275 -3.77 -17.50 -23.43
CA PHE B 275 -4.11 -16.84 -22.14
C PHE B 275 -2.83 -16.67 -21.29
N ALA B 276 -2.82 -15.63 -20.45
CA ALA B 276 -1.71 -15.35 -19.50
C ALA B 276 -1.86 -16.26 -18.27
N ILE B 277 -0.76 -16.46 -17.55
CA ILE B 277 -0.74 -17.24 -16.29
C ILE B 277 -0.35 -16.31 -15.14
N ILE B 278 -1.32 -16.12 -14.23
CA ILE B 278 -1.03 -15.58 -12.88
C ILE B 278 -0.72 -16.76 -11.95
N GLU B 279 0.57 -16.88 -11.57
CA GLU B 279 1.11 -17.90 -10.65
C GLU B 279 1.17 -17.29 -9.25
N ASP B 280 0.63 -17.96 -8.23
CA ASP B 280 0.59 -17.41 -6.86
C ASP B 280 1.31 -18.40 -5.95
N ASP B 281 2.48 -18.07 -5.44
CA ASP B 281 3.32 -19.04 -4.68
C ASP B 281 3.81 -18.45 -3.36
N PRO B 282 2.93 -18.33 -2.35
CA PRO B 282 3.35 -17.85 -1.04
C PRO B 282 4.14 -18.84 -0.17
N TYR B 283 4.06 -20.16 -0.43
CA TYR B 283 4.72 -21.20 0.42
C TYR B 283 5.15 -22.45 -0.37
N GLY B 284 5.37 -22.33 -1.67
CA GLY B 284 5.95 -23.40 -2.52
C GLY B 284 7.35 -23.75 -2.07
N TYR B 285 8.00 -22.87 -1.32
CA TYR B 285 9.36 -23.13 -0.79
C TYR B 285 9.27 -24.09 0.40
N LEU B 286 8.11 -24.20 1.04
CA LEU B 286 7.87 -25.13 2.19
C LEU B 286 7.48 -26.51 1.64
N THR B 287 8.39 -27.16 0.90
CA THR B 287 8.19 -28.56 0.42
C THR B 287 8.09 -29.49 1.65
N LEU B 288 7.09 -30.36 1.69
CA LEU B 288 6.92 -31.36 2.77
C LEU B 288 7.13 -32.73 2.14
N PRO B 289 7.99 -33.59 2.72
CA PRO B 289 8.03 -35.00 2.33
C PRO B 289 6.67 -35.65 2.63
N LYS B 290 6.28 -36.72 1.91
CA LYS B 290 4.99 -37.44 2.18
C LYS B 290 5.03 -38.07 3.60
N TYR B 291 3.86 -38.35 4.19
CA TYR B 291 3.66 -38.70 5.63
C TYR B 291 4.51 -39.94 5.99
N GLU B 292 5.49 -39.77 6.88
CA GLU B 292 6.12 -40.84 7.70
C GLU B 292 5.48 -40.73 9.11
N LYS B 293 5.16 -41.85 9.76
CA LYS B 293 4.60 -41.82 11.14
C LYS B 293 5.54 -40.99 12.00
N PRO B 294 5.04 -40.05 12.83
CA PRO B 294 5.90 -39.33 13.76
C PRO B 294 6.05 -40.05 15.12
N ASN B 295 6.75 -39.40 16.07
CA ASN B 295 6.94 -39.77 17.51
C ASN B 295 8.15 -40.70 17.61
N LEU B 310 19.26 -31.77 4.75
CA LEU B 310 18.87 -31.32 3.38
C LEU B 310 19.71 -30.10 3.02
N GLU B 311 20.43 -30.15 1.91
CA GLU B 311 21.33 -29.04 1.48
C GLU B 311 20.66 -28.24 0.37
N ILE B 312 21.17 -27.04 0.10
CA ILE B 312 20.60 -26.10 -0.88
C ILE B 312 20.48 -26.79 -2.26
N ASP B 313 21.52 -27.46 -2.72
CA ASP B 313 21.57 -27.97 -4.12
C ASP B 313 20.57 -29.12 -4.28
N ASP B 314 20.43 -29.98 -3.26
CA ASP B 314 19.48 -31.12 -3.25
C ASP B 314 18.03 -30.58 -3.32
N TYR B 315 17.63 -29.75 -2.35
CA TYR B 315 16.32 -29.05 -2.28
C TYR B 315 15.97 -28.46 -3.65
N LEU B 316 16.85 -27.57 -4.14
CA LEU B 316 16.64 -26.79 -5.38
C LEU B 316 16.51 -27.76 -6.56
N LYS B 317 17.26 -28.87 -6.54
CA LYS B 317 17.32 -29.78 -7.71
C LYS B 317 16.17 -30.80 -7.64
N ASN B 318 15.75 -31.25 -6.45
CA ASN B 318 14.87 -32.45 -6.37
C ASN B 318 13.68 -32.29 -5.40
N HIS B 319 13.59 -31.24 -4.57
CA HIS B 319 12.45 -31.04 -3.63
C HIS B 319 11.47 -29.99 -4.16
N LEU B 320 12.00 -28.90 -4.73
CA LEU B 320 11.27 -27.68 -5.18
C LEU B 320 10.70 -27.90 -6.59
N THR B 321 9.39 -27.75 -6.78
CA THR B 321 8.79 -27.92 -8.11
C THR B 321 9.01 -26.65 -8.91
N PRO B 322 9.43 -26.78 -10.19
CA PRO B 322 9.57 -25.65 -11.08
C PRO B 322 8.35 -24.76 -11.09
N SER B 323 8.59 -23.45 -11.17
CA SER B 323 7.56 -22.41 -11.40
C SER B 323 7.36 -22.27 -12.90
N TYR B 324 6.14 -21.98 -13.29
CA TYR B 324 5.74 -21.54 -14.65
C TYR B 324 6.74 -20.51 -15.23
N LEU B 325 7.48 -19.74 -14.42
CA LEU B 325 8.53 -18.82 -14.96
C LEU B 325 9.55 -19.64 -15.75
N GLU B 326 9.85 -20.84 -15.26
CA GLU B 326 10.84 -21.76 -15.87
C GLU B 326 10.35 -22.27 -17.24
N LEU B 327 9.04 -22.27 -17.50
CA LEU B 327 8.48 -22.79 -18.79
C LEU B 327 8.29 -21.62 -19.75
N ASP B 328 8.26 -20.40 -19.24
CA ASP B 328 7.79 -19.20 -19.99
C ASP B 328 8.93 -18.71 -20.88
N THR B 329 8.68 -18.54 -22.18
CA THR B 329 9.67 -18.03 -23.18
C THR B 329 9.32 -16.59 -23.60
N THR B 330 8.08 -16.11 -23.35
CA THR B 330 7.50 -14.88 -23.96
C THR B 330 6.87 -13.91 -22.93
N GLY B 331 6.92 -14.18 -21.62
CA GLY B 331 6.38 -13.29 -20.57
C GLY B 331 4.85 -13.36 -20.42
N ARG B 332 4.24 -14.53 -20.58
CA ARG B 332 2.78 -14.65 -20.38
C ARG B 332 2.52 -15.11 -18.94
N VAL B 333 3.57 -15.40 -18.18
CA VAL B 333 3.50 -15.78 -16.75
C VAL B 333 3.81 -14.53 -15.93
N LEU B 334 2.94 -14.19 -15.02
CA LEU B 334 3.26 -13.25 -13.94
C LEU B 334 3.27 -14.09 -12.66
N ARG B 335 4.35 -14.03 -11.91
CA ARG B 335 4.53 -14.74 -10.61
C ARG B 335 4.36 -13.74 -9.45
N VAL B 336 3.54 -14.11 -8.46
CA VAL B 336 3.28 -13.35 -7.20
C VAL B 336 4.01 -14.03 -6.04
N GLU B 337 4.82 -13.27 -5.32
CA GLU B 337 5.59 -13.70 -4.14
C GLU B 337 5.26 -12.77 -2.97
N THR B 338 5.50 -13.25 -1.74
CA THR B 338 5.23 -12.53 -0.48
C THR B 338 6.30 -12.91 0.56
N PHE B 339 6.66 -11.97 1.44
CA PHE B 339 7.47 -12.23 2.66
C PHE B 339 6.50 -12.56 3.80
N SER B 340 5.22 -12.78 3.52
CA SER B 340 4.19 -13.00 4.58
C SER B 340 4.34 -14.34 5.29
N LYS B 341 4.50 -15.47 4.56
CA LYS B 341 4.43 -16.79 5.18
C LYS B 341 5.84 -17.30 5.51
N LEU B 342 6.88 -16.59 5.02
CA LEU B 342 8.28 -16.96 5.22
C LEU B 342 9.02 -16.01 6.18
N PHE B 343 8.53 -14.79 6.39
CA PHE B 343 9.17 -13.79 7.27
C PHE B 343 8.12 -13.43 8.33
N ALA B 344 7.21 -12.51 8.02
CA ALA B 344 6.01 -12.21 8.83
C ALA B 344 4.92 -11.57 7.96
N PRO B 345 3.62 -11.80 8.23
CA PRO B 345 2.55 -11.12 7.49
C PRO B 345 2.42 -9.60 7.71
N GLY B 346 2.85 -9.09 8.86
CA GLY B 346 2.77 -7.66 9.19
C GLY B 346 3.69 -6.78 8.35
N LEU B 347 4.61 -7.34 7.54
CA LEU B 347 5.52 -6.51 6.71
C LEU B 347 4.69 -5.77 5.66
N ARG B 348 3.65 -6.42 5.13
CA ARG B 348 3.00 -6.01 3.86
C ARG B 348 4.12 -5.84 2.83
N LEU B 349 4.88 -6.89 2.56
CA LEU B 349 5.97 -6.83 1.56
C LEU B 349 5.98 -8.11 0.73
N GLY B 350 6.26 -7.91 -0.55
CA GLY B 350 6.32 -8.98 -1.55
C GLY B 350 7.03 -8.47 -2.77
N PHE B 351 6.93 -9.21 -3.86
CA PHE B 351 7.45 -8.81 -5.19
C PHE B 351 6.67 -9.62 -6.20
N ILE B 352 6.54 -9.14 -7.44
CA ILE B 352 6.13 -9.96 -8.63
C ILE B 352 7.30 -10.06 -9.62
N VAL B 353 7.21 -11.05 -10.52
CA VAL B 353 8.15 -11.31 -11.65
C VAL B 353 7.30 -11.37 -12.90
N GLY B 354 7.64 -10.59 -13.91
CA GLY B 354 7.00 -10.65 -15.24
C GLY B 354 7.92 -10.10 -16.31
N HIS B 355 7.34 -9.82 -17.49
CA HIS B 355 8.02 -9.17 -18.64
C HIS B 355 8.24 -7.70 -18.27
N LYS B 356 9.40 -7.16 -18.64
CA LYS B 356 9.80 -5.74 -18.45
C LYS B 356 8.57 -4.84 -18.68
N GLU B 357 7.76 -5.12 -19.71
CA GLU B 357 6.65 -4.24 -20.17
C GLU B 357 5.38 -4.50 -19.35
N VAL B 358 5.29 -5.65 -18.66
CA VAL B 358 4.16 -5.94 -17.73
C VAL B 358 4.40 -5.15 -16.44
N ILE B 359 5.62 -5.25 -15.90
CA ILE B 359 6.08 -4.55 -14.67
C ILE B 359 5.96 -3.04 -14.88
N ASP B 360 6.28 -2.55 -16.09
CA ASP B 360 6.13 -1.12 -16.47
C ASP B 360 4.67 -0.70 -16.27
N ALA B 361 3.74 -1.45 -16.81
CA ALA B 361 2.30 -1.13 -16.71
C ALA B 361 1.90 -1.09 -15.24
N VAL B 362 2.35 -2.09 -14.47
CA VAL B 362 2.00 -2.24 -13.02
C VAL B 362 2.59 -1.06 -12.25
N LYS B 363 3.77 -0.56 -12.63
CA LYS B 363 4.36 0.70 -12.09
C LYS B 363 3.36 1.84 -12.23
N ASN B 364 2.84 2.09 -13.44
CA ASN B 364 1.84 3.16 -13.70
C ASN B 364 0.58 2.96 -12.83
N TYR B 365 0.16 1.71 -12.55
CA TYR B 365 -1.03 1.37 -11.72
C TYR B 365 -0.75 1.68 -10.24
N SER B 366 0.44 1.32 -9.75
CA SER B 366 0.88 1.58 -8.35
C SER B 366 1.01 3.09 -8.14
N ASP B 367 1.43 3.80 -9.18
CA ASP B 367 1.46 5.28 -9.16
C ASP B 367 0.08 5.79 -8.75
N VAL B 368 -1.00 5.07 -9.05
CA VAL B 368 -2.39 5.55 -8.76
C VAL B 368 -2.85 5.05 -7.39
N VAL B 369 -2.77 3.74 -7.11
CA VAL B 369 -3.59 3.08 -6.04
C VAL B 369 -2.76 2.59 -4.82
N ASN B 370 -1.43 2.53 -4.92
CA ASN B 370 -0.49 2.02 -3.87
C ASN B 370 0.90 2.54 -4.19
N ARG B 371 1.19 3.78 -3.78
CA ARG B 371 2.44 4.52 -4.13
C ARG B 371 3.62 4.12 -3.24
N GLY B 372 4.07 2.86 -3.34
CA GLY B 372 5.28 2.37 -2.66
C GLY B 372 5.00 1.46 -1.48
N ALA B 373 5.73 0.36 -1.39
CA ALA B 373 5.84 -0.43 -0.14
C ALA B 373 6.58 0.43 0.89
N SER B 374 6.31 0.22 2.17
CA SER B 374 6.96 0.98 3.27
C SER B 374 8.48 0.86 3.15
N GLY B 375 9.14 1.98 2.90
CA GLY B 375 10.62 2.10 2.79
C GLY B 375 11.30 1.66 4.05
N LEU B 376 10.73 1.93 5.24
CA LEU B 376 11.31 1.50 6.56
C LEU B 376 11.28 -0.01 6.62
N THR B 377 10.27 -0.63 6.00
CA THR B 377 10.06 -2.09 6.07
C THR B 377 11.04 -2.75 5.09
N GLN B 378 11.14 -2.17 3.87
CA GLN B 378 12.08 -2.59 2.81
C GLN B 378 13.49 -2.51 3.41
N THR B 379 13.76 -1.49 4.22
CA THR B 379 15.06 -1.28 4.92
C THR B 379 15.30 -2.44 5.91
N ILE B 380 14.42 -2.60 6.90
CA ILE B 380 14.56 -3.62 7.98
C ILE B 380 14.66 -5.02 7.38
N VAL B 381 13.92 -5.30 6.31
CA VAL B 381 13.79 -6.69 5.77
C VAL B 381 15.00 -6.98 4.88
N ASN B 382 15.40 -6.04 3.99
CA ASN B 382 16.57 -6.16 3.05
C ASN B 382 17.88 -6.36 3.84
N ASN B 383 18.09 -5.57 4.91
CA ASN B 383 19.34 -5.54 5.70
C ASN B 383 19.41 -6.75 6.64
N VAL B 384 18.30 -7.22 7.21
CA VAL B 384 18.24 -8.52 7.97
C VAL B 384 18.67 -9.65 7.04
N ILE B 385 18.17 -9.65 5.79
CA ILE B 385 18.43 -10.73 4.80
C ILE B 385 19.92 -10.65 4.36
N GLN B 386 20.51 -9.45 4.27
CA GLN B 386 21.92 -9.32 3.78
C GLN B 386 22.94 -9.39 4.94
N GLU B 387 22.72 -8.70 6.07
CA GLU B 387 23.71 -8.65 7.17
C GLU B 387 23.68 -9.96 7.96
N ASN B 388 22.50 -10.38 8.39
CA ASN B 388 22.34 -11.58 9.25
C ASN B 388 22.55 -12.83 8.41
N PHE B 389 21.84 -12.89 7.27
CA PHE B 389 21.58 -14.13 6.51
C PHE B 389 22.48 -14.22 5.27
N LYS B 390 23.28 -13.19 5.00
CA LYS B 390 24.37 -13.20 3.97
C LYS B 390 23.81 -13.50 2.56
N GLY B 391 22.53 -13.20 2.33
CA GLY B 391 21.94 -13.14 0.97
C GLY B 391 21.10 -14.35 0.60
N VAL B 392 20.99 -14.62 -0.70
CA VAL B 392 20.12 -15.69 -1.26
C VAL B 392 20.24 -16.97 -0.44
N ASP B 393 21.41 -17.63 -0.48
CA ASP B 393 21.63 -19.00 0.07
C ASP B 393 21.42 -19.02 1.59
N GLY B 394 21.73 -17.93 2.30
CA GLY B 394 21.40 -17.85 3.74
C GLY B 394 19.89 -17.87 3.98
N TRP B 395 19.10 -17.29 3.06
CA TRP B 395 17.62 -17.15 3.19
C TRP B 395 17.00 -18.52 2.90
N LEU B 396 17.54 -19.25 1.92
CA LEU B 396 17.12 -20.66 1.69
C LEU B 396 17.39 -21.51 2.95
N GLU B 397 18.55 -21.37 3.61
CA GLU B 397 18.81 -22.09 4.89
C GLU B 397 17.77 -21.70 5.95
N TRP B 398 17.32 -20.45 6.04
CA TRP B 398 16.27 -20.09 7.03
C TRP B 398 14.94 -20.68 6.56
N ILE B 399 14.67 -20.63 5.25
CA ILE B 399 13.43 -21.19 4.65
C ILE B 399 13.39 -22.69 4.98
N LEU B 400 14.55 -23.35 4.94
CA LEU B 400 14.68 -24.82 5.21
C LEU B 400 14.43 -25.14 6.70
N LYS B 401 14.79 -24.25 7.63
CA LYS B 401 14.48 -24.46 9.07
C LYS B 401 12.95 -24.53 9.21
N MET B 402 12.22 -23.59 8.59
CA MET B 402 10.74 -23.52 8.65
C MET B 402 10.19 -24.82 8.06
N ARG B 403 10.76 -25.27 6.94
CA ARG B 403 10.39 -26.54 6.27
C ARG B 403 10.20 -27.64 7.30
N LEU B 404 11.25 -27.95 8.11
CA LEU B 404 11.27 -29.01 9.15
C LEU B 404 10.12 -28.80 10.13
N ASN B 405 9.96 -27.57 10.62
CA ASN B 405 8.88 -27.22 11.58
C ASN B 405 7.51 -27.48 10.93
N TYR B 406 7.25 -26.85 9.79
CA TYR B 406 6.00 -26.99 8.99
C TYR B 406 5.81 -28.48 8.66
N SER B 407 6.92 -29.14 8.29
CA SER B 407 6.98 -30.59 7.91
C SER B 407 6.52 -31.44 9.10
N TYR B 408 7.09 -31.20 10.28
CA TYR B 408 6.79 -31.95 11.53
C TYR B 408 5.33 -31.76 11.90
N ARG B 409 4.78 -30.55 11.73
CA ARG B 409 3.40 -30.16 12.14
C ARG B 409 2.35 -30.92 11.32
N LYS B 410 2.54 -31.00 9.99
CA LYS B 410 1.61 -31.64 9.03
C LYS B 410 1.39 -33.09 9.45
N ASP B 411 2.51 -33.81 9.55
CA ASP B 411 2.66 -35.24 9.95
C ASP B 411 1.96 -35.49 11.28
N LEU B 412 2.06 -34.52 12.20
CA LEU B 412 1.42 -34.59 13.55
C LEU B 412 -0.10 -34.50 13.36
N LEU B 413 -0.57 -33.49 12.64
CA LEU B 413 -2.02 -33.28 12.38
C LEU B 413 -2.59 -34.52 11.71
N LEU B 414 -1.83 -35.08 10.77
CA LEU B 414 -2.26 -36.27 9.99
C LEU B 414 -2.28 -37.52 10.90
N TYR B 415 -1.23 -37.75 11.71
CA TYR B 415 -1.20 -38.84 12.72
C TYR B 415 -2.45 -38.68 13.59
N SER B 416 -2.57 -37.48 14.14
CA SER B 416 -3.74 -37.00 14.91
C SER B 416 -5.02 -37.60 14.35
N ILE B 417 -5.19 -37.49 13.02
CA ILE B 417 -6.43 -37.84 12.27
C ILE B 417 -6.45 -39.35 12.03
N PHE B 418 -5.29 -39.93 11.73
CA PHE B 418 -5.13 -41.36 11.34
C PHE B 418 -5.44 -42.31 12.51
N GLU B 419 -5.37 -41.86 13.76
CA GLU B 419 -5.59 -42.69 14.99
C GLU B 419 -7.08 -42.64 15.41
N SER B 420 -7.87 -41.78 14.79
CA SER B 420 -9.27 -41.49 15.19
C SER B 420 -10.14 -42.67 14.80
N GLN B 421 -11.26 -42.90 15.50
CA GLN B 421 -12.32 -43.81 15.03
C GLN B 421 -12.91 -43.27 13.72
N ALA B 422 -13.01 -41.94 13.57
CA ALA B 422 -13.59 -41.25 12.38
C ALA B 422 -12.87 -41.62 11.08
N TYR B 423 -11.53 -41.59 11.06
CA TYR B 423 -10.70 -42.03 9.89
C TYR B 423 -10.86 -43.54 9.67
N LYS B 424 -10.67 -44.31 10.74
CA LYS B 424 -10.69 -45.79 10.72
C LYS B 424 -12.05 -46.29 10.20
N LYS B 425 -13.15 -45.62 10.58
CA LYS B 425 -14.54 -46.04 10.24
C LYS B 425 -14.89 -45.60 8.80
N GLY B 426 -14.07 -44.73 8.19
CA GLY B 426 -14.26 -44.27 6.80
C GLY B 426 -14.98 -42.92 6.70
N TYR B 427 -15.16 -42.19 7.82
CA TYR B 427 -15.97 -40.94 7.84
C TYR B 427 -15.16 -39.76 7.28
N VAL B 428 -13.86 -39.72 7.57
CA VAL B 428 -12.94 -38.66 7.06
C VAL B 428 -11.75 -39.35 6.41
N ASP B 429 -11.17 -38.70 5.41
CA ASP B 429 -9.85 -39.04 4.80
C ASP B 429 -9.07 -37.73 4.87
N VAL B 430 -7.83 -37.70 4.39
CA VAL B 430 -7.03 -36.46 4.35
C VAL B 430 -6.09 -36.54 3.14
N ILE B 431 -6.06 -35.51 2.30
CA ILE B 431 -5.03 -35.38 1.25
C ILE B 431 -3.71 -35.11 1.96
N ASP B 432 -2.64 -35.75 1.51
CA ASP B 432 -1.25 -35.56 1.99
C ASP B 432 -0.69 -34.39 1.17
N PRO B 433 -0.55 -33.18 1.76
CA PRO B 433 -0.07 -32.01 1.01
C PRO B 433 1.43 -32.13 0.73
N LYS B 434 1.80 -31.83 -0.50
CA LYS B 434 3.19 -31.91 -0.99
C LYS B 434 3.92 -30.65 -0.53
N ALA B 435 3.18 -29.56 -0.29
CA ALA B 435 3.79 -28.32 0.24
C ALA B 435 2.77 -27.44 0.95
N GLY B 436 3.28 -26.49 1.73
CA GLY B 436 2.52 -25.38 2.31
C GLY B 436 2.10 -25.62 3.74
N MET B 437 0.95 -25.08 4.13
CA MET B 437 0.47 -24.97 5.53
C MET B 437 -1.00 -25.42 5.63
N PHE B 438 -1.58 -25.89 4.52
CA PHE B 438 -2.99 -26.33 4.47
C PHE B 438 -3.11 -27.83 4.18
N VAL B 439 -4.05 -28.49 4.89
CA VAL B 439 -4.49 -29.91 4.69
C VAL B 439 -5.94 -29.86 4.23
N THR B 440 -6.33 -30.62 3.19
CA THR B 440 -7.75 -30.92 2.84
C THR B 440 -8.26 -32.04 3.77
N PHE B 441 -9.34 -31.79 4.54
CA PHE B 441 -9.99 -32.76 5.46
C PHE B 441 -11.34 -33.14 4.87
N LYS B 442 -11.41 -34.32 4.25
CA LYS B 442 -12.59 -34.79 3.48
C LYS B 442 -13.60 -35.43 4.43
N ILE B 443 -14.88 -35.13 4.19
CA ILE B 443 -16.02 -35.69 4.95
C ILE B 443 -16.81 -36.61 4.01
N ASN B 444 -16.77 -37.92 4.26
CA ASN B 444 -17.43 -38.91 3.36
C ASN B 444 -18.92 -39.00 3.73
N LEU B 445 -19.65 -37.91 3.55
CA LEU B 445 -21.14 -37.89 3.69
C LEU B 445 -21.73 -38.85 2.67
N PRO B 446 -22.88 -39.51 2.97
CA PRO B 446 -23.63 -40.25 1.95
C PRO B 446 -23.94 -39.36 0.74
N LYS B 447 -23.96 -39.94 -0.47
CA LYS B 447 -24.05 -39.24 -1.79
C LYS B 447 -25.36 -38.45 -1.92
N ASP B 448 -26.47 -39.07 -1.51
CA ASP B 448 -27.85 -38.58 -1.75
C ASP B 448 -28.19 -37.40 -0.82
N VAL B 449 -27.40 -37.12 0.24
CA VAL B 449 -27.70 -36.04 1.24
C VAL B 449 -27.22 -34.68 0.69
N ASP B 450 -27.71 -33.59 1.27
CA ASP B 450 -27.42 -32.20 0.84
C ASP B 450 -26.07 -31.81 1.43
N VAL B 451 -25.04 -31.75 0.58
CA VAL B 451 -23.65 -31.39 0.98
C VAL B 451 -23.68 -30.08 1.82
N LEU B 452 -24.24 -28.97 1.31
CA LEU B 452 -24.12 -27.65 1.99
C LEU B 452 -24.84 -27.75 3.34
N GLN B 453 -26.03 -28.36 3.39
CA GLN B 453 -26.87 -28.41 4.61
C GLN B 453 -26.14 -29.16 5.73
N LYS B 454 -25.66 -30.37 5.44
CA LYS B 454 -24.97 -31.25 6.43
C LYS B 454 -23.59 -30.68 6.79
N MET B 455 -22.85 -30.07 5.87
CA MET B 455 -21.53 -29.48 6.19
C MET B 455 -21.72 -28.27 7.10
N LYS B 456 -22.75 -27.44 6.85
CA LYS B 456 -23.07 -26.29 7.72
C LYS B 456 -23.37 -26.81 9.13
N LEU B 457 -24.23 -27.83 9.22
CA LEU B 457 -24.68 -28.41 10.53
C LEU B 457 -23.47 -29.01 11.27
N LEU B 458 -22.56 -29.69 10.56
CA LEU B 458 -21.30 -30.28 11.11
C LEU B 458 -20.32 -29.18 11.53
N LEU B 459 -20.41 -28.00 10.92
CA LEU B 459 -19.48 -26.88 11.30
C LEU B 459 -19.83 -26.40 12.70
N TRP B 460 -21.12 -26.25 12.99
CA TRP B 460 -21.60 -25.87 14.34
C TRP B 460 -21.14 -26.97 15.31
N LYS B 461 -21.20 -28.24 14.90
CA LYS B 461 -20.71 -29.35 15.74
C LYS B 461 -19.19 -29.18 16.00
N LEU B 462 -18.40 -28.84 14.97
CA LEU B 462 -16.96 -28.55 15.15
C LEU B 462 -16.84 -27.43 16.20
N ILE B 463 -17.55 -26.31 16.01
CA ILE B 463 -17.43 -25.08 16.86
C ILE B 463 -17.82 -25.43 18.31
N SER B 464 -18.80 -26.32 18.54
CA SER B 464 -19.23 -26.72 19.91
C SER B 464 -18.17 -27.60 20.59
N TYR B 465 -17.46 -28.44 19.84
CA TYR B 465 -16.32 -29.25 20.33
C TYR B 465 -15.05 -28.40 20.49
N GLY B 466 -15.01 -27.16 19.99
CA GLY B 466 -13.91 -26.18 20.20
C GLY B 466 -12.77 -26.29 19.17
N ILE B 467 -13.07 -26.59 17.89
CA ILE B 467 -12.09 -26.56 16.77
C ILE B 467 -12.68 -25.73 15.61
N LEU B 468 -12.06 -24.58 15.35
CA LEU B 468 -12.36 -23.71 14.20
C LEU B 468 -11.61 -24.28 13.00
N VAL B 469 -12.32 -24.44 11.87
CA VAL B 469 -11.77 -24.80 10.53
C VAL B 469 -12.44 -23.88 9.49
N VAL B 470 -11.97 -23.84 8.24
CA VAL B 470 -12.65 -23.11 7.11
C VAL B 470 -13.35 -24.17 6.25
N PRO B 471 -14.70 -24.12 6.08
CA PRO B 471 -15.41 -25.02 5.17
C PRO B 471 -15.13 -24.71 3.69
N GLY B 472 -15.14 -25.75 2.86
CA GLY B 472 -14.79 -25.64 1.43
C GLY B 472 -15.70 -24.65 0.75
N TYR B 473 -17.00 -24.66 1.08
CA TYR B 473 -18.04 -23.83 0.40
C TYR B 473 -17.79 -22.33 0.63
N ASN B 474 -16.93 -21.92 1.57
CA ASN B 474 -16.58 -20.49 1.76
C ASN B 474 -15.49 -20.07 0.78
N MET B 475 -14.94 -20.98 -0.01
CA MET B 475 -13.75 -20.64 -0.81
C MET B 475 -13.97 -20.87 -2.30
N THR B 476 -15.23 -20.82 -2.74
CA THR B 476 -15.63 -21.12 -4.14
C THR B 476 -15.76 -19.86 -4.98
N VAL B 477 -15.65 -20.00 -6.31
CA VAL B 477 -16.01 -18.98 -7.33
C VAL B 477 -17.53 -19.01 -7.54
N ASP B 478 -18.10 -20.22 -7.53
CA ASP B 478 -19.52 -20.47 -7.82
C ASP B 478 -19.92 -21.65 -6.93
N LEU B 479 -20.74 -21.37 -5.92
CA LEU B 479 -21.20 -22.38 -4.94
C LEU B 479 -22.09 -23.43 -5.63
N GLU B 480 -22.86 -23.05 -6.65
CA GLU B 480 -23.75 -24.03 -7.33
C GLU B 480 -22.88 -24.98 -8.15
N PHE B 481 -21.87 -24.45 -8.81
CA PHE B 481 -20.94 -25.22 -9.64
C PHE B 481 -20.17 -26.25 -8.79
N SER B 482 -19.94 -25.99 -7.51
CA SER B 482 -18.98 -26.76 -6.67
C SER B 482 -19.65 -27.41 -5.44
N LYS B 483 -20.97 -27.46 -5.33
CA LYS B 483 -21.62 -27.87 -4.07
C LYS B 483 -21.17 -29.32 -3.78
N ASP B 484 -21.13 -30.18 -4.79
CA ASP B 484 -20.90 -31.66 -4.64
C ASP B 484 -19.49 -31.99 -4.17
N ARG B 485 -18.50 -31.13 -4.46
CA ARG B 485 -17.07 -31.29 -4.09
C ARG B 485 -16.74 -30.42 -2.88
N SER B 486 -17.77 -29.92 -2.18
CA SER B 486 -17.65 -28.97 -1.05
C SER B 486 -17.50 -29.72 0.28
N ASN B 487 -17.62 -31.06 0.24
CA ASN B 487 -17.64 -31.92 1.47
C ASN B 487 -16.23 -32.00 2.08
N PHE B 488 -15.66 -30.86 2.47
CA PHE B 488 -14.27 -30.82 3.00
C PHE B 488 -14.14 -29.54 3.82
N PHE B 489 -13.39 -29.62 4.92
CA PHE B 489 -12.86 -28.44 5.67
C PHE B 489 -11.38 -28.30 5.30
N ARG B 490 -10.86 -27.06 5.31
CA ARG B 490 -9.40 -26.75 5.24
C ARG B 490 -8.84 -26.59 6.65
N LEU B 491 -7.83 -27.40 6.96
CA LEU B 491 -7.05 -27.35 8.22
C LEU B 491 -5.77 -26.60 7.90
N CYS B 492 -5.31 -25.76 8.82
CA CYS B 492 -4.01 -25.05 8.76
C CYS B 492 -3.29 -25.21 10.11
N TYR B 493 -2.14 -25.90 10.09
CA TYR B 493 -1.34 -26.31 11.28
C TYR B 493 -0.24 -25.26 11.53
N ALA B 494 -0.37 -24.07 10.93
CA ALA B 494 0.65 -22.98 10.95
C ALA B 494 0.47 -22.10 12.19
N LEU B 495 -0.76 -21.92 12.66
CA LEU B 495 -1.09 -20.90 13.69
C LEU B 495 -0.82 -21.42 15.11
N ALA B 496 -1.02 -22.73 15.36
CA ALA B 496 -0.79 -23.40 16.66
C ALA B 496 0.58 -23.03 17.26
N ASN B 497 0.64 -23.03 18.59
CA ASN B 497 1.82 -22.63 19.40
C ASN B 497 2.78 -23.80 19.55
N ASN B 498 2.28 -25.03 19.54
CA ASN B 498 3.11 -26.22 19.88
C ASN B 498 2.41 -27.50 19.41
N ASP B 499 3.07 -28.63 19.65
CA ASP B 499 2.71 -29.97 19.12
C ASP B 499 1.43 -30.49 19.80
N GLU B 500 1.19 -30.16 21.08
CA GLU B 500 0.08 -30.71 21.91
C GLU B 500 -1.24 -30.12 21.39
N GLU B 501 -1.21 -28.83 21.03
CA GLU B 501 -2.33 -28.12 20.35
C GLU B 501 -2.67 -28.84 19.05
N ILE B 502 -1.69 -29.27 18.24
CA ILE B 502 -1.95 -29.95 16.93
C ILE B 502 -2.71 -31.24 17.21
N LEU B 503 -2.17 -32.04 18.14
CA LEU B 503 -2.78 -33.27 18.70
C LEU B 503 -4.17 -32.94 19.22
N GLU B 504 -4.34 -31.91 20.04
CA GLU B 504 -5.66 -31.66 20.68
C GLU B 504 -6.61 -31.16 19.58
N SER B 505 -6.13 -30.26 18.71
CA SER B 505 -6.86 -29.76 17.52
C SER B 505 -7.48 -30.91 16.72
N GLY B 506 -6.70 -31.90 16.28
CA GLY B 506 -7.20 -33.02 15.46
C GLY B 506 -7.93 -34.08 16.27
N LYS B 507 -7.77 -34.11 17.60
CA LYS B 507 -8.58 -35.01 18.47
C LYS B 507 -10.03 -34.54 18.33
N ARG B 508 -10.26 -33.27 18.66
CA ARG B 508 -11.59 -32.60 18.71
C ARG B 508 -12.23 -32.69 17.32
N LEU B 509 -11.46 -32.35 16.27
CA LEU B 509 -11.97 -32.32 14.86
C LEU B 509 -12.59 -33.69 14.55
N THR B 510 -11.86 -34.77 14.82
CA THR B 510 -12.30 -36.16 14.57
C THR B 510 -13.30 -36.67 15.63
N ASP B 511 -13.23 -36.19 16.88
CA ASP B 511 -14.26 -36.53 17.91
C ASP B 511 -15.63 -36.00 17.44
N ALA B 512 -15.68 -34.73 17.06
CA ALA B 512 -16.87 -34.02 16.53
C ALA B 512 -17.45 -34.74 15.31
N VAL B 513 -16.62 -35.06 14.32
CA VAL B 513 -17.10 -35.74 13.09
C VAL B 513 -17.67 -37.11 13.49
N TYR B 514 -17.06 -37.83 14.44
CA TYR B 514 -17.56 -39.13 14.98
C TYR B 514 -18.93 -38.94 15.63
N GLU B 515 -19.13 -37.89 16.42
CA GLU B 515 -20.47 -37.70 17.03
C GLU B 515 -21.42 -37.43 15.86
N PHE B 516 -21.11 -36.49 14.98
CA PHE B 516 -22.00 -36.08 13.85
C PHE B 516 -22.56 -37.31 13.14
N PHE B 517 -21.67 -38.23 12.74
CA PHE B 517 -22.03 -39.48 12.01
C PHE B 517 -22.76 -40.48 12.93
N SER B 518 -22.25 -40.69 14.16
CA SER B 518 -22.89 -41.56 15.21
C SER B 518 -24.35 -41.16 15.36
N ASN B 519 -24.59 -39.84 15.39
CA ASN B 519 -25.91 -39.18 15.53
C ASN B 519 -26.73 -39.27 14.24
N GLY B 520 -26.20 -39.86 13.16
CA GLY B 520 -26.86 -39.94 11.84
C GLY B 520 -26.91 -38.59 11.11
N LEU B 521 -25.92 -37.73 11.32
CA LEU B 521 -25.71 -36.46 10.56
C LEU B 521 -26.63 -35.37 11.09
N GLU B 522 -26.77 -35.32 12.43
CA GLU B 522 -27.51 -34.28 13.16
C GLU B 522 -26.61 -33.81 14.30
N PHE B 523 -27.12 -32.96 15.22
CA PHE B 523 -26.45 -32.37 16.41
C PHE B 523 -26.83 -33.13 17.71
N HIS B 524 -27.73 -34.14 17.65
CA HIS B 524 -28.21 -35.00 18.77
C HIS B 524 -27.09 -35.25 19.80
N1 PLP C . -0.16 16.42 -0.89
C2 PLP C . 0.61 17.50 -0.73
C2A PLP C . -0.05 18.84 -0.78
C3 PLP C . 2.00 17.38 -0.52
O3 PLP C . 2.73 18.49 -0.38
C4 PLP C . 2.60 16.11 -0.48
C4A PLP C . 4.06 15.98 -0.24
C5 PLP C . 1.76 14.99 -0.65
C6 PLP C . 0.42 15.20 -0.85
C5A PLP C . 2.27 13.59 -0.70
O4P PLP C . 2.05 12.87 0.53
P PLP C . 2.75 11.45 0.61
O1P PLP C . 4.22 11.71 0.34
O2P PLP C . 2.53 10.96 2.04
O3P PLP C . 2.06 10.65 -0.48
N1 BCN D . 6.61 43.03 1.83
C1 BCN D . 6.44 41.56 1.97
C2 BCN D . 5.03 40.95 1.84
O21 BCN D . 4.04 41.75 1.84
O22 BCN D . 4.96 39.69 1.76
C3 BCN D . 8.03 43.43 1.86
C4 BCN D . 8.89 42.79 2.92
O4 BCN D . 10.19 43.35 2.90
C5 BCN D . 5.89 43.67 0.71
C6 BCN D . 5.62 42.85 -0.54
O6 BCN D . 6.59 43.09 -1.55
C1 MPD E . -30.43 18.44 1.52
C2 MPD E . -29.22 18.86 0.69
O2 MPD E . -29.69 18.98 -0.67
CM MPD E . -28.16 17.76 0.68
C3 MPD E . -28.61 20.19 1.15
C4 MPD E . -29.57 21.30 1.52
O4 MPD E . -28.86 22.28 2.27
C5 MPD E . -30.26 21.97 0.37
N PHE F . -6.44 -9.34 7.72
CA PHE F . -5.91 -9.87 6.43
C PHE F . -5.75 -8.67 5.47
O PHE F . -6.18 -7.56 5.78
CB PHE F . -6.83 -10.98 5.91
CG PHE F . -6.15 -12.28 5.51
CD1 PHE F . -5.62 -12.45 4.24
CD2 PHE F . -6.06 -13.34 6.40
CE1 PHE F . -5.00 -13.62 3.88
CE2 PHE F . -5.44 -14.53 6.04
CZ PHE F . -4.91 -14.66 4.77
OXT PHE F . -5.18 -8.78 4.37
C1 PPY G . -4.90 -9.19 4.70
O1 PPY G . -4.52 -8.08 4.29
O2 PPY G . -5.29 -9.36 5.86
C2 PPY G . -4.88 -10.19 3.86
O3 PPY G . -4.06 -10.13 2.96
C3 PPY G . -5.90 -11.33 3.85
C1' PPY G . -5.62 -12.60 4.62
C2' PPY G . -4.85 -13.61 4.08
C3' PPY G . -4.62 -14.78 4.77
C4' PPY G . -5.18 -14.98 6.01
C5' PPY G . -5.97 -14.00 6.56
C6' PPY G . -6.20 -12.82 5.87
N1 PLP H . -2.51 -15.95 -1.57
C2 PLP H . -2.53 -17.16 -1.03
C2A PLP H . -2.71 -18.33 -1.95
C3 PLP H . -2.38 -17.34 0.37
O3 PLP H . -2.43 -18.59 0.86
C4 PLP H . -2.21 -16.23 1.20
C4A PLP H . -2.05 -16.42 2.66
C5 PLP H . -2.21 -14.96 0.59
C6 PLP H . -2.35 -14.87 -0.76
C5A PLP H . -2.06 -13.71 1.38
O4P PLP H . -0.90 -13.00 0.88
P PLP H . -0.65 -11.61 1.60
O1P PLP H . -1.72 -10.68 0.99
O2P PLP H . 0.78 -11.20 1.32
O3P PLP H . -0.87 -11.93 3.03
C1' UN1 I . 7.80 13.45 -5.15
O1' UN1 I . 7.70 14.64 -4.77
O2' UN1 I . 8.87 12.80 -5.05
O UN1 I . 6.14 9.40 -5.51
C1 UN1 I . 6.57 12.82 -5.75
C UN1 I . 5.65 9.35 -4.35
CA UN1 I . 4.75 10.46 -3.87
C5 UN1 I . 5.56 11.77 -3.67
C6 UN1 I . 5.38 12.81 -4.78
N UN1 I . 4.03 10.03 -2.69
OXT UN1 I . 5.88 8.39 -3.58
N1 BCN J . -31.80 -30.33 10.55
C1 BCN J . -33.10 -30.85 10.16
C2 BCN J . -33.72 -31.67 11.29
O21 BCN J . -34.15 -31.04 12.27
O22 BCN J . -33.72 -32.90 11.16
C3 BCN J . -30.93 -30.05 9.40
C4 BCN J . -30.32 -28.66 9.38
O4 BCN J . -29.42 -28.49 8.30
C5 BCN J . -31.91 -29.29 11.59
C6 BCN J . -30.83 -29.40 12.65
O6 BCN J . -30.38 -28.11 13.04
N1 BCN K . -12.25 -40.41 -3.28
C1 BCN K . -13.36 -40.16 -4.23
C2 BCN K . -13.18 -39.02 -5.23
O21 BCN K . -12.19 -38.25 -5.09
O22 BCN K . -14.05 -38.92 -6.14
C3 BCN K . -12.73 -40.57 -1.90
C4 BCN K . -11.68 -40.91 -0.86
O4 BCN K . -10.44 -40.26 -1.11
C5 BCN K . -11.34 -41.48 -3.73
C6 BCN K . -10.21 -40.97 -4.60
O6 BCN K . -8.96 -41.05 -3.93
C2 OOG L . 5.77 9.67 -5.00
C3 OOG L . 5.73 10.85 -4.01
C4 OOG L . 5.31 12.17 -4.65
C6 OOG L . 7.05 13.87 -4.20
O4 OOG L . 7.42 13.92 -5.39
O3 OOG L . 7.75 14.28 -3.27
C5 OOG L . 5.87 13.39 -3.94
C1 OOG L . 6.93 8.70 -4.86
O1 OOG L . 7.76 8.88 -3.95
O2 OOG L . 7.01 7.73 -5.68
O5 OOG L . 5.17 13.95 -3.09
#